data_8QCJ
#
_entry.id   8QCJ
#
_cell.length_a   92.965
_cell.length_b   92.965
_cell.length_c   100.223
_cell.angle_alpha   90.00
_cell.angle_beta   90.00
_cell.angle_gamma   120.00
#
_symmetry.space_group_name_H-M   'P 31'
#
loop_
_entity.id
_entity.type
_entity.pdbx_description
1 polymer 'Mycothione reductase'
2 non-polymer 'FLAVIN-ADENINE DINUCLEOTIDE'
#
_entity_poly.entity_id   1
_entity_poly.type   'polypeptide(L)'
_entity_poly.pdbx_seq_one_letter_code
;MTHYDLAIIGSGSGNSLPDERFDGKKIAILEEGTFGGTCLNVGCIPTKMFVYAAEVARTITTAEKYGVDATLDGVRWSDI
VKRVFGRIDPISAGGERYRSEDSPNTTVYRGHATFTGDKTIDTGTGETITADQVVIAAGSRPIIPEEIASSGVKYYTNED
IMRLPELPEHLVIVGSGFIATEFAHVFSALGSRVSIIGRSQRLLRHLDDEISERFTELAEQKWDVHLGSPLTSVRGDGDN
IAVELANGTVVSGDVLLVAVGRQPNGDLLGLDKAGVELDDKGSVVVDEYQRTTAEGVFALGDVSSPYQLKHVANHEARVV
QHNLLQDAWKDTSGLRSTDHRFVPAAVFTDPQIADVGMTEKQARDAGLDITVKVQAYGDVAYGWAMEDQEGICKVIAERG
TGRILGAHVMGTQAPTVIQPLIQAMSFGLSAQDMARGQYWIHPALAEVVENALLGLDI
;
_entity_poly.pdbx_strand_id   A,B
#
# COMPACT_ATOMS: atom_id res chain seq x y z
N MET A 1 41.35 -1.19 -34.61
CA MET A 1 40.14 -0.91 -33.86
C MET A 1 38.96 -1.79 -34.30
N THR A 2 38.18 -2.24 -33.32
CA THR A 2 36.96 -2.99 -33.59
C THR A 2 35.78 -2.03 -33.68
N HIS A 3 34.98 -2.17 -34.73
CA HIS A 3 33.86 -1.26 -34.95
C HIS A 3 32.55 -1.92 -34.50
N TYR A 4 31.66 -1.10 -33.96
CA TYR A 4 30.37 -1.56 -33.47
C TYR A 4 29.26 -0.64 -33.98
N ASP A 5 28.05 -1.17 -34.01
CA ASP A 5 26.89 -0.33 -34.27
C ASP A 5 26.48 0.46 -33.03
N LEU A 6 26.79 -0.08 -31.84
CA LEU A 6 26.40 0.54 -30.58
C LEU A 6 27.44 0.20 -29.53
N ALA A 7 27.87 1.21 -28.76
CA ALA A 7 28.66 1.01 -27.57
C ALA A 7 27.90 1.52 -26.37
N ILE A 8 27.90 0.75 -25.29
CA ILE A 8 27.14 1.09 -24.08
C ILE A 8 28.10 1.06 -22.90
N ILE A 9 28.27 2.21 -22.25
CA ILE A 9 29.10 2.34 -21.06
C ILE A 9 28.18 2.23 -19.85
N GLY A 10 28.28 1.12 -19.12
CA GLY A 10 27.49 0.94 -17.93
C GLY A 10 26.49 -0.19 -18.02
N SER A 11 26.62 -1.19 -17.14
CA SER A 11 25.74 -2.35 -17.12
C SER A 11 24.53 -2.17 -16.21
N GLY A 12 24.25 -0.95 -15.78
CA GLY A 12 23.06 -0.71 -14.99
C GLY A 12 21.83 -0.69 -15.86
N SER A 13 21.20 0.48 -16.01
CA SER A 13 20.10 0.62 -16.95
C SER A 13 20.55 0.47 -18.39
N GLY A 14 21.85 0.58 -18.66
CA GLY A 14 22.34 0.42 -20.02
C GLY A 14 22.10 -0.97 -20.57
N ASN A 15 22.12 -2.00 -19.71
CA ASN A 15 21.90 -3.36 -20.16
C ASN A 15 20.46 -3.59 -20.62
N SER A 16 19.52 -2.74 -20.23
CA SER A 16 18.13 -2.91 -20.62
C SER A 16 17.85 -2.37 -22.01
N LEU A 17 18.82 -1.75 -22.67
CA LEU A 17 18.63 -1.17 -23.99
C LEU A 17 18.61 -2.24 -25.09
N PRO A 18 19.60 -3.17 -25.17
CA PRO A 18 19.57 -4.15 -26.27
C PRO A 18 18.41 -5.11 -26.13
N ASP A 19 17.47 -5.07 -27.07
CA ASP A 19 16.36 -6.01 -27.09
C ASP A 19 16.29 -6.64 -28.48
N GLU A 20 15.10 -7.16 -28.83
CA GLU A 20 14.92 -7.86 -30.10
C GLU A 20 15.25 -6.96 -31.29
N ARG A 21 14.84 -5.70 -31.24
CA ARG A 21 14.98 -4.79 -32.37
C ARG A 21 16.44 -4.47 -32.71
N PHE A 22 17.41 -4.95 -31.92
CA PHE A 22 18.83 -4.74 -32.17
C PHE A 22 19.54 -6.01 -32.60
N ASP A 23 18.80 -7.08 -32.89
CA ASP A 23 19.43 -8.38 -33.15
C ASP A 23 20.44 -8.30 -34.29
N GLY A 24 20.16 -7.50 -35.31
CA GLY A 24 21.04 -7.34 -36.44
C GLY A 24 22.21 -6.40 -36.23
N LYS A 25 22.45 -5.97 -34.99
CA LYS A 25 23.45 -4.94 -34.70
C LYS A 25 24.46 -5.47 -33.69
N LYS A 26 25.74 -5.17 -33.94
CA LYS A 26 26.80 -5.53 -33.01
C LYS A 26 26.88 -4.48 -31.91
N ILE A 27 26.96 -4.94 -30.67
CA ILE A 27 26.91 -4.07 -29.50
C ILE A 27 28.15 -4.32 -28.65
N ALA A 28 28.70 -3.24 -28.09
CA ALA A 28 29.77 -3.33 -27.11
C ALA A 28 29.26 -2.77 -25.79
N ILE A 29 29.45 -3.53 -24.72
CA ILE A 29 29.05 -3.10 -23.38
C ILE A 29 30.31 -2.97 -22.55
N LEU A 30 30.45 -1.84 -21.86
CA LEU A 30 31.62 -1.58 -21.03
C LEU A 30 31.19 -1.41 -19.58
N GLU A 31 31.83 -2.17 -18.70
CA GLU A 31 31.51 -2.19 -17.27
C GLU A 31 32.81 -2.38 -16.51
N GLU A 32 33.26 -1.36 -15.79
CA GLU A 32 34.52 -1.45 -15.08
C GLU A 32 34.39 -2.14 -13.73
N GLY A 33 33.20 -2.15 -13.13
CA GLY A 33 33.03 -2.77 -11.84
C GLY A 33 32.14 -3.99 -11.87
N THR A 34 31.35 -4.18 -10.81
CA THR A 34 30.46 -5.33 -10.75
C THR A 34 29.33 -5.17 -11.76
N PHE A 35 29.00 -6.26 -12.43
CA PHE A 35 27.95 -6.25 -13.44
C PHE A 35 26.59 -5.97 -12.82
N GLY A 36 25.77 -5.21 -13.54
CA GLY A 36 24.43 -4.87 -13.10
C GLY A 36 24.27 -3.48 -12.50
N GLY A 37 25.36 -2.74 -12.32
CA GLY A 37 25.25 -1.38 -11.85
C GLY A 37 24.96 -1.24 -10.36
N THR A 38 24.76 0.01 -9.95
CA THR A 38 24.62 0.33 -8.53
C THR A 38 23.37 -0.28 -7.92
N CYS A 39 22.22 -0.18 -8.61
CA CYS A 39 20.94 -0.53 -8.00
C CYS A 39 20.91 -2.00 -7.59
N LEU A 40 21.37 -2.89 -8.47
CA LEU A 40 21.32 -4.31 -8.12
C LEU A 40 22.32 -4.66 -7.02
N ASN A 41 23.54 -4.14 -7.11
CA ASN A 41 24.64 -4.67 -6.32
C ASN A 41 24.93 -3.91 -5.02
N VAL A 42 24.76 -2.60 -4.99
CA VAL A 42 25.17 -1.82 -3.81
C VAL A 42 24.21 -0.68 -3.55
N GLY A 43 23.02 -0.76 -4.12
CA GLY A 43 22.11 0.37 -4.10
C GLY A 43 20.66 0.02 -3.80
N CYS A 44 19.83 0.17 -4.83
CA CYS A 44 18.38 0.14 -4.67
C CYS A 44 17.92 -1.16 -4.01
N ILE A 45 18.34 -2.30 -4.54
CA ILE A 45 17.80 -3.60 -4.12
C ILE A 45 18.35 -4.06 -2.77
N PRO A 46 19.66 -4.18 -2.58
CA PRO A 46 20.14 -4.75 -1.30
C PRO A 46 19.81 -3.91 -0.08
N THR A 47 19.77 -2.59 -0.21
CA THR A 47 19.42 -1.74 0.93
C THR A 47 18.03 -2.06 1.44
N LYS A 48 17.05 -2.13 0.54
CA LYS A 48 15.67 -2.37 0.96
C LYS A 48 15.48 -3.77 1.51
N MET A 49 16.38 -4.71 1.18
CA MET A 49 16.36 -6.02 1.81
C MET A 49 16.79 -5.93 3.27
N PHE A 50 17.76 -5.05 3.56
CA PHE A 50 18.18 -4.83 4.94
C PHE A 50 17.13 -4.03 5.70
N VAL A 51 16.55 -3.01 5.06
CA VAL A 51 15.52 -2.20 5.71
C VAL A 51 14.38 -3.08 6.20
N TYR A 52 13.95 -4.04 5.38
CA TYR A 52 12.85 -4.90 5.79
C TYR A 52 13.18 -5.68 7.06
N ALA A 53 14.40 -6.24 7.12
CA ALA A 53 14.79 -6.95 8.34
C ALA A 53 14.80 -5.99 9.53
N ALA A 54 15.13 -4.73 9.29
CA ALA A 54 15.04 -3.72 10.35
C ALA A 54 13.60 -3.45 10.74
N GLU A 55 12.67 -3.51 9.78
CA GLU A 55 11.25 -3.37 10.12
C GLU A 55 10.76 -4.56 10.92
N VAL A 56 11.30 -5.75 10.66
CA VAL A 56 10.97 -6.92 11.47
C VAL A 56 11.46 -6.71 12.90
N ALA A 57 12.67 -6.18 13.06
CA ALA A 57 13.19 -5.92 14.39
C ALA A 57 12.36 -4.87 15.12
N ARG A 58 11.94 -3.83 14.40
CA ARG A 58 11.11 -2.80 15.02
C ARG A 58 9.76 -3.34 15.44
N THR A 59 9.14 -4.14 14.57
CA THR A 59 7.83 -4.74 14.89
C THR A 59 7.88 -5.50 16.21
N ILE A 60 8.99 -6.19 16.48
CA ILE A 60 9.08 -7.03 17.66
C ILE A 60 9.30 -6.18 18.91
N THR A 61 10.13 -5.14 18.80
CA THR A 61 10.45 -4.30 19.95
C THR A 61 9.26 -3.42 20.36
N THR A 62 8.32 -3.17 19.44
CA THR A 62 7.14 -2.37 19.74
C THR A 62 5.87 -3.21 19.84
N ALA A 63 5.98 -4.53 19.65
CA ALA A 63 4.79 -5.39 19.64
C ALA A 63 3.90 -5.40 20.87
N GLU A 64 4.44 -5.02 22.03
CA GLU A 64 3.68 -5.04 23.27
C GLU A 64 2.59 -3.95 23.33
N LYS A 65 2.81 -2.87 22.58
CA LYS A 65 1.86 -1.77 22.49
C LYS A 65 0.57 -2.34 21.90
N TYR A 66 0.63 -3.53 21.29
CA TYR A 66 -0.54 -4.21 20.77
C TYR A 66 -1.05 -5.33 21.68
N GLY A 67 -0.40 -5.58 22.82
CA GLY A 67 -0.78 -6.67 23.67
C GLY A 67 -0.10 -7.99 23.37
N VAL A 68 1.06 -7.96 22.71
CA VAL A 68 1.82 -9.16 22.39
C VAL A 68 3.18 -9.07 23.05
N ASP A 69 3.52 -10.08 23.85
CA ASP A 69 4.79 -10.12 24.58
C ASP A 69 5.82 -10.89 23.76
N ALA A 70 6.95 -10.24 23.47
CA ALA A 70 8.02 -10.89 22.73
C ALA A 70 9.36 -10.25 23.08
N THR A 71 10.44 -10.99 22.83
CA THR A 71 11.79 -10.54 23.11
C THR A 71 12.64 -10.65 21.84
N LEU A 72 13.41 -9.59 21.56
CA LEU A 72 14.41 -9.62 20.49
C LEU A 72 15.63 -10.37 21.00
N ASP A 73 15.73 -11.65 20.65
CA ASP A 73 16.82 -12.48 21.15
C ASP A 73 18.17 -12.01 20.61
N GLY A 74 18.27 -11.84 19.30
CA GLY A 74 19.50 -11.35 18.71
C GLY A 74 19.32 -11.09 17.24
N VAL A 75 20.37 -10.55 16.62
CA VAL A 75 20.40 -10.28 15.19
C VAL A 75 21.63 -10.97 14.62
N ARG A 76 21.44 -11.71 13.52
CA ARG A 76 22.51 -12.46 12.88
C ARG A 76 22.97 -11.71 11.64
N TRP A 77 23.85 -10.73 11.86
CA TRP A 77 24.32 -9.88 10.78
C TRP A 77 24.93 -10.70 9.65
N SER A 78 25.82 -11.62 9.98
CA SER A 78 26.40 -12.52 8.97
C SER A 78 25.32 -13.20 8.16
N ASP A 79 24.27 -13.71 8.82
CA ASP A 79 23.20 -14.40 8.11
C ASP A 79 22.36 -13.42 7.29
N ILE A 80 22.29 -12.15 7.69
CA ILE A 80 21.64 -11.14 6.87
C ILE A 80 22.44 -10.91 5.59
N VAL A 81 23.75 -10.70 5.73
CA VAL A 81 24.62 -10.46 4.58
C VAL A 81 24.57 -11.63 3.61
N LYS A 82 24.62 -12.86 4.11
CA LYS A 82 24.58 -14.01 3.21
C LYS A 82 23.24 -14.10 2.48
N ARG A 83 22.14 -13.86 3.19
CA ARG A 83 20.82 -13.98 2.56
C ARG A 83 20.62 -12.91 1.49
N VAL A 84 21.04 -11.68 1.77
CA VAL A 84 20.87 -10.61 0.80
C VAL A 84 21.73 -10.86 -0.43
N PHE A 85 23.04 -10.95 -0.25
CA PHE A 85 23.91 -11.08 -1.41
C PHE A 85 23.96 -12.50 -1.96
N GLY A 86 23.58 -13.50 -1.17
CA GLY A 86 23.48 -14.86 -1.67
C GLY A 86 22.57 -15.02 -2.87
N ARG A 87 21.65 -14.07 -3.07
CA ARG A 87 20.86 -14.00 -4.29
C ARG A 87 21.31 -12.88 -5.21
N ILE A 88 21.92 -11.82 -4.66
CA ILE A 88 22.32 -10.69 -5.48
C ILE A 88 23.47 -11.08 -6.41
N ASP A 89 24.56 -11.65 -5.86
CA ASP A 89 25.70 -11.91 -6.74
C ASP A 89 25.44 -12.98 -7.82
N PRO A 90 24.64 -14.04 -7.60
CA PRO A 90 24.37 -14.94 -8.73
C PRO A 90 23.58 -14.27 -9.84
N ILE A 91 22.82 -13.23 -9.52
CA ILE A 91 22.01 -12.54 -10.52
C ILE A 91 22.87 -11.58 -11.33
N SER A 92 23.66 -10.74 -10.64
CA SER A 92 24.61 -9.88 -11.34
C SER A 92 25.50 -10.69 -12.27
N ALA A 93 26.01 -11.81 -11.77
CA ALA A 93 26.91 -12.65 -12.54
C ALA A 93 26.17 -13.50 -13.56
N GLY A 94 24.91 -13.84 -13.28
CA GLY A 94 24.10 -14.50 -14.29
C GLY A 94 23.82 -13.59 -15.46
N GLY A 95 23.62 -12.30 -15.19
CA GLY A 95 23.46 -11.34 -16.27
C GLY A 95 24.76 -11.10 -17.02
N GLU A 96 25.89 -11.05 -16.30
CA GLU A 96 27.19 -10.96 -16.96
C GLU A 96 27.39 -12.10 -17.93
N ARG A 97 27.02 -13.31 -17.51
CA ARG A 97 27.03 -14.48 -18.40
C ARG A 97 26.18 -14.21 -19.64
N TYR A 98 24.89 -13.94 -19.44
CA TYR A 98 23.94 -13.77 -20.55
C TYR A 98 24.48 -12.88 -21.66
N ARG A 99 25.13 -11.76 -21.30
CA ARG A 99 25.62 -10.84 -22.32
C ARG A 99 26.87 -11.35 -23.00
N SER A 100 27.61 -12.25 -22.35
CA SER A 100 28.79 -12.89 -22.91
C SER A 100 28.51 -14.32 -23.36
N GLU A 101 27.33 -14.86 -23.04
CA GLU A 101 27.00 -16.27 -23.28
C GLU A 101 25.86 -16.42 -24.28
N ASP A 102 24.74 -15.74 -24.07
CA ASP A 102 23.76 -15.60 -25.14
C ASP A 102 24.34 -14.79 -26.29
N SER A 103 25.00 -13.67 -25.96
CA SER A 103 25.83 -12.80 -26.79
C SER A 103 25.69 -13.05 -28.28
N PRO A 104 24.57 -12.67 -28.90
CA PRO A 104 24.45 -12.90 -30.35
C PRO A 104 25.48 -12.12 -31.14
N ASN A 105 25.66 -10.84 -30.80
CA ASN A 105 26.71 -10.01 -31.38
C ASN A 105 27.15 -8.96 -30.37
N THR A 106 27.35 -9.38 -29.13
CA THR A 106 27.61 -8.47 -28.02
C THR A 106 28.95 -8.81 -27.40
N THR A 107 29.69 -7.78 -27.02
CA THR A 107 30.99 -7.91 -26.39
C THR A 107 31.02 -7.08 -25.12
N VAL A 108 31.44 -7.69 -24.02
CA VAL A 108 31.51 -7.02 -22.72
C VAL A 108 32.96 -6.70 -22.42
N TYR A 109 33.20 -5.48 -21.95
CA TYR A 109 34.53 -5.04 -21.54
C TYR A 109 34.52 -4.75 -20.05
N ARG A 110 35.50 -5.31 -19.34
CA ARG A 110 35.65 -5.08 -17.91
C ARG A 110 36.85 -4.18 -17.69
N GLY A 111 36.66 -2.90 -18.03
CA GLY A 111 37.71 -1.91 -17.85
C GLY A 111 37.13 -0.52 -17.83
N HIS A 112 37.94 0.42 -17.34
CA HIS A 112 37.55 1.83 -17.24
C HIS A 112 37.59 2.46 -18.63
N ALA A 113 36.42 2.82 -19.15
CA ALA A 113 36.32 3.43 -20.46
C ALA A 113 36.55 4.93 -20.38
N THR A 114 37.15 5.49 -21.43
CA THR A 114 37.43 6.91 -21.53
C THR A 114 37.40 7.31 -23.00
N PHE A 115 36.66 8.37 -23.32
CA PHE A 115 36.63 8.85 -24.70
C PHE A 115 37.99 9.40 -25.09
N THR A 116 38.59 8.82 -26.11
CA THR A 116 39.84 9.32 -26.70
C THR A 116 39.60 10.08 -28.00
N GLY A 117 38.42 10.02 -28.56
CA GLY A 117 38.12 10.69 -29.82
C GLY A 117 36.65 10.99 -29.95
N ASP A 118 36.18 11.05 -31.20
CA ASP A 118 34.79 11.42 -31.48
C ASP A 118 33.82 10.39 -30.91
N LYS A 119 33.79 9.21 -31.52
CA LYS A 119 33.10 8.05 -30.96
C LYS A 119 34.10 6.94 -30.69
N THR A 120 35.33 7.36 -30.34
CA THR A 120 36.46 6.47 -30.13
C THR A 120 36.66 6.28 -28.64
N ILE A 121 36.64 5.03 -28.18
CA ILE A 121 36.62 4.71 -26.76
C ILE A 121 37.80 3.79 -26.46
N ASP A 122 38.67 4.20 -25.55
CA ASP A 122 39.62 3.28 -24.97
C ASP A 122 38.87 2.40 -23.96
N THR A 123 39.00 1.08 -24.13
CA THR A 123 38.21 0.16 -23.33
C THR A 123 38.71 0.01 -21.90
N GLY A 124 39.92 0.46 -21.60
CA GLY A 124 40.55 0.15 -20.34
C GLY A 124 41.08 -1.25 -20.23
N THR A 125 40.86 -2.08 -21.26
CA THR A 125 41.42 -3.42 -21.34
C THR A 125 42.62 -3.47 -22.28
N GLY A 126 43.08 -2.32 -22.75
CA GLY A 126 44.13 -2.24 -23.74
C GLY A 126 43.70 -2.18 -25.20
N GLU A 127 42.43 -1.92 -25.49
CA GLU A 127 41.95 -1.81 -26.86
C GLU A 127 41.34 -0.43 -27.10
N THR A 128 40.99 -0.17 -28.36
CA THR A 128 40.31 1.05 -28.77
C THR A 128 39.23 0.67 -29.77
N ILE A 129 38.00 1.17 -29.56
CA ILE A 129 36.86 0.81 -30.38
C ILE A 129 36.13 2.07 -30.81
N THR A 130 35.22 1.89 -31.76
CA THR A 130 34.37 2.97 -32.25
C THR A 130 32.98 2.39 -32.48
N ALA A 131 31.97 3.28 -32.46
CA ALA A 131 30.59 2.87 -32.64
C ALA A 131 29.89 3.94 -33.44
N ASP A 132 28.87 3.52 -34.20
CA ASP A 132 28.05 4.48 -34.94
C ASP A 132 27.18 5.29 -33.98
N GLN A 133 26.69 4.65 -32.93
CA GLN A 133 25.94 5.30 -31.87
C GLN A 133 26.54 4.90 -30.53
N VAL A 134 26.48 5.83 -29.58
CA VAL A 134 27.02 5.61 -28.24
C VAL A 134 25.99 6.02 -27.21
N VAL A 135 25.87 5.24 -26.15
CA VAL A 135 24.99 5.55 -25.01
C VAL A 135 25.85 5.59 -23.75
N ILE A 136 25.73 6.66 -22.99
CA ILE A 136 26.44 6.82 -21.73
C ILE A 136 25.48 6.49 -20.60
N ALA A 137 25.77 5.42 -19.87
CA ALA A 137 25.01 4.99 -18.69
C ALA A 137 25.94 4.82 -17.51
N ALA A 138 26.86 5.76 -17.32
CA ALA A 138 27.95 5.62 -16.36
C ALA A 138 27.53 5.84 -14.91
N GLY A 139 26.32 6.33 -14.66
CA GLY A 139 25.89 6.51 -13.28
C GLY A 139 26.75 7.51 -12.50
N SER A 140 26.73 7.34 -11.18
CA SER A 140 27.42 8.23 -10.25
C SER A 140 28.30 7.44 -9.29
N ARG A 141 29.06 8.17 -8.49
CA ARG A 141 29.99 7.64 -7.52
C ARG A 141 29.84 8.41 -6.22
N PRO A 142 30.15 7.78 -5.08
CA PRO A 142 30.05 8.48 -3.79
C PRO A 142 30.99 9.67 -3.72
N ILE A 143 30.52 10.74 -3.08
CA ILE A 143 31.35 11.90 -2.79
C ILE A 143 32.01 11.67 -1.43
N ILE A 144 33.32 11.84 -1.37
CA ILE A 144 34.09 11.65 -0.15
C ILE A 144 34.68 13.02 0.22
N PRO A 145 34.34 13.59 1.38
CA PRO A 145 34.95 14.86 1.78
C PRO A 145 36.46 14.75 1.91
N GLU A 146 37.14 15.87 1.69
CA GLU A 146 38.60 15.87 1.73
C GLU A 146 39.10 15.56 3.13
N GLU A 147 38.44 16.10 4.16
CA GLU A 147 38.84 15.79 5.54
C GLU A 147 38.81 14.29 5.80
N ILE A 148 37.92 13.56 5.15
CA ILE A 148 37.80 12.12 5.37
C ILE A 148 38.81 11.36 4.52
N ALA A 149 38.88 11.64 3.21
CA ALA A 149 39.77 10.92 2.31
C ALA A 149 41.20 11.44 2.34
N SER A 150 41.59 12.12 3.41
CA SER A 150 42.97 12.56 3.59
C SER A 150 43.47 12.13 4.96
N SER A 151 42.56 12.09 5.93
CA SER A 151 42.91 11.70 7.29
C SER A 151 43.60 10.34 7.33
N GLY A 152 43.32 9.48 6.36
CA GLY A 152 43.87 8.14 6.35
C GLY A 152 43.09 7.15 7.18
N VAL A 153 41.93 7.55 7.68
CA VAL A 153 41.12 6.68 8.52
C VAL A 153 40.27 5.77 7.64
N LYS A 154 39.95 4.59 8.16
CA LYS A 154 39.09 3.67 7.45
C LYS A 154 37.66 4.17 7.48
N TYR A 155 37.08 4.37 6.30
CA TYR A 155 35.70 4.80 6.16
C TYR A 155 34.98 3.89 5.19
N TYR A 156 33.65 3.90 5.26
CA TYR A 156 32.81 3.08 4.41
C TYR A 156 31.84 3.95 3.64
N THR A 157 31.35 3.42 2.52
CA THR A 157 30.27 4.04 1.78
C THR A 157 29.18 3.00 1.56
N ASN A 158 28.16 3.33 0.75
CA ASN A 158 27.11 2.36 0.46
C ASN A 158 27.64 1.15 -0.31
N GLU A 159 28.87 1.20 -0.81
CA GLU A 159 29.43 0.16 -1.65
C GLU A 159 30.05 -0.98 -0.86
N ASP A 160 30.19 -0.82 0.46
CA ASP A 160 30.82 -1.85 1.28
C ASP A 160 30.22 -1.99 2.67
N ILE A 161 29.41 -1.03 3.14
CA ILE A 161 28.88 -1.10 4.50
C ILE A 161 27.97 -2.32 4.65
N MET A 162 27.24 -2.68 3.60
CA MET A 162 26.34 -3.83 3.64
C MET A 162 27.10 -5.15 3.65
N ARG A 163 28.43 -5.13 3.57
CA ARG A 163 29.25 -6.33 3.61
C ARG A 163 30.17 -6.34 4.82
N LEU A 164 29.81 -5.61 5.87
CA LEU A 164 30.54 -5.67 7.13
C LEU A 164 30.54 -7.08 7.69
N PRO A 165 31.61 -7.50 8.37
CA PRO A 165 31.61 -8.84 8.96
C PRO A 165 30.71 -8.93 10.19
N GLU A 166 30.59 -7.85 10.97
CA GLU A 166 29.83 -7.87 12.20
C GLU A 166 29.08 -6.55 12.35
N LEU A 167 28.05 -6.58 13.20
CA LEU A 167 27.25 -5.38 13.45
C LEU A 167 28.01 -4.44 14.37
N PRO A 168 28.16 -3.16 13.99
CA PRO A 168 28.90 -2.22 14.84
C PRO A 168 28.12 -1.85 16.08
N GLU A 169 28.82 -1.73 17.20
CA GLU A 169 28.18 -1.23 18.42
C GLU A 169 27.74 0.21 18.24
N HIS A 170 28.61 1.08 17.72
CA HIS A 170 28.30 2.49 17.51
C HIS A 170 28.72 2.88 16.10
N LEU A 171 27.74 3.14 15.25
CA LEU A 171 27.96 3.59 13.88
C LEU A 171 27.87 5.11 13.80
N VAL A 172 28.87 5.73 13.18
CA VAL A 172 28.89 7.17 12.96
C VAL A 172 28.66 7.41 11.46
N ILE A 173 27.58 8.12 11.13
CA ILE A 173 27.21 8.42 9.75
C ILE A 173 27.40 9.91 9.49
N VAL A 174 28.08 10.23 8.40
CA VAL A 174 28.21 11.61 7.93
C VAL A 174 27.28 11.77 6.74
N GLY A 175 26.20 12.52 6.93
CA GLY A 175 25.24 12.76 5.88
C GLY A 175 23.84 12.89 6.45
N SER A 176 23.00 13.64 5.73
CA SER A 176 21.60 13.83 6.11
C SER A 176 20.65 13.53 4.95
N GLY A 177 21.13 12.82 3.93
CA GLY A 177 20.32 12.49 2.78
C GLY A 177 19.56 11.20 2.97
N PHE A 178 18.95 10.73 1.88
CA PHE A 178 18.14 9.52 1.96
C PHE A 178 19.01 8.28 2.22
N ILE A 179 20.26 8.29 1.78
CA ILE A 179 21.14 7.15 2.04
C ILE A 179 21.50 7.09 3.52
N ALA A 180 21.84 8.23 4.12
CA ALA A 180 22.22 8.25 5.53
C ALA A 180 21.07 7.80 6.43
N THR A 181 19.87 8.33 6.20
CA THR A 181 18.75 8.01 7.08
C THR A 181 18.20 6.62 6.84
N GLU A 182 18.37 6.05 5.64
CA GLU A 182 18.00 4.66 5.44
C GLU A 182 18.94 3.73 6.19
N PHE A 183 20.24 4.02 6.15
CA PHE A 183 21.21 3.21 6.88
C PHE A 183 21.10 3.46 8.38
N ALA A 184 20.80 4.70 8.78
CA ALA A 184 20.51 4.96 10.18
C ALA A 184 19.36 4.09 10.67
N HIS A 185 18.33 3.94 9.85
CA HIS A 185 17.21 3.07 10.19
C HIS A 185 17.65 1.61 10.23
N VAL A 186 18.43 1.17 9.24
CA VAL A 186 18.83 -0.24 9.15
C VAL A 186 19.56 -0.67 10.41
N PHE A 187 20.60 0.06 10.81
CA PHE A 187 21.49 -0.40 11.87
C PHE A 187 20.85 -0.24 13.25
N SER A 188 20.27 0.93 13.52
CA SER A 188 19.69 1.18 14.85
C SER A 188 18.59 0.17 15.18
N ALA A 189 17.76 -0.17 14.20
CA ALA A 189 16.70 -1.14 14.45
C ALA A 189 17.28 -2.52 14.74
N LEU A 190 18.46 -2.81 14.22
CA LEU A 190 19.10 -4.12 14.41
C LEU A 190 19.99 -4.17 15.65
N GLY A 191 20.30 -3.03 16.26
CA GLY A 191 20.99 -3.04 17.54
C GLY A 191 22.16 -2.10 17.65
N SER A 192 22.53 -1.46 16.54
CA SER A 192 23.65 -0.51 16.54
C SER A 192 23.25 0.83 17.13
N ARG A 193 24.20 1.43 17.85
CA ARG A 193 24.09 2.86 18.18
C ARG A 193 24.45 3.68 16.96
N VAL A 194 23.65 4.71 16.69
CA VAL A 194 23.80 5.49 15.46
C VAL A 194 23.94 6.96 15.82
N SER A 195 25.03 7.57 15.38
CA SER A 195 25.21 9.01 15.42
C SER A 195 25.13 9.56 14.01
N ILE A 196 24.28 10.57 13.80
CA ILE A 196 24.13 11.21 12.50
C ILE A 196 24.61 12.65 12.62
N ILE A 197 25.47 13.05 11.70
CA ILE A 197 25.97 14.43 11.63
C ILE A 197 25.50 15.04 10.33
N GLY A 198 24.74 16.12 10.43
CA GLY A 198 24.27 16.85 9.28
C GLY A 198 24.73 18.30 9.34
N ARG A 199 25.10 18.85 8.19
CA ARG A 199 25.44 20.27 8.14
C ARG A 199 24.20 21.13 8.28
N SER A 200 23.06 20.65 7.77
CA SER A 200 21.85 21.43 7.78
C SER A 200 21.24 21.46 9.19
N GLN A 201 20.17 22.23 9.32
CA GLN A 201 19.41 22.30 10.56
C GLN A 201 18.31 21.24 10.63
N ARG A 202 18.12 20.47 9.57
CA ARG A 202 17.15 19.39 9.55
C ARG A 202 17.68 18.25 8.70
N LEU A 203 17.25 17.03 9.03
CA LEU A 203 17.48 15.89 8.16
C LEU A 203 16.50 15.94 7.00
N LEU A 204 16.91 15.38 5.87
CA LEU A 204 16.10 15.38 4.64
C LEU A 204 15.68 16.80 4.26
N ARG A 205 16.67 17.71 4.26
CA ARG A 205 16.48 19.14 4.02
C ARG A 205 15.57 19.39 2.83
N HIS A 206 15.70 18.56 1.80
CA HIS A 206 15.07 18.80 0.50
C HIS A 206 13.60 18.38 0.45
N LEU A 207 13.01 17.95 1.56
CA LEU A 207 11.61 17.55 1.55
C LEU A 207 10.72 18.73 1.89
N ASP A 208 9.40 18.51 1.88
CA ASP A 208 8.46 19.52 2.36
C ASP A 208 8.82 19.87 3.79
N ASP A 209 8.81 21.17 4.10
CA ASP A 209 9.34 21.63 5.38
C ASP A 209 8.66 20.95 6.55
N GLU A 210 7.34 20.73 6.46
CA GLU A 210 6.64 20.03 7.53
C GLU A 210 7.07 18.57 7.64
N ILE A 211 7.37 17.93 6.50
CA ILE A 211 7.82 16.54 6.53
C ILE A 211 9.22 16.46 7.14
N SER A 212 10.14 17.29 6.65
CA SER A 212 11.50 17.31 7.18
C SER A 212 11.51 17.64 8.66
N GLU A 213 10.64 18.57 9.08
CA GLU A 213 10.64 19.02 10.47
C GLU A 213 10.21 17.92 11.42
N ARG A 214 9.06 17.29 11.14
CA ARG A 214 8.57 16.24 12.04
C ARG A 214 9.48 15.03 12.04
N PHE A 215 10.03 14.68 10.88
CA PHE A 215 10.93 13.53 10.81
C PHE A 215 12.18 13.75 11.67
N THR A 216 12.72 14.97 11.66
CA THR A 216 13.87 15.28 12.51
C THR A 216 13.52 15.10 13.98
N GLU A 217 12.34 15.56 14.39
CA GLU A 217 11.95 15.40 15.80
C GLU A 217 11.87 13.93 16.17
N LEU A 218 11.35 13.10 15.26
CA LEU A 218 11.28 11.67 15.51
C LEU A 218 12.66 11.04 15.47
N ALA A 219 13.53 11.52 14.57
CA ALA A 219 14.88 10.98 14.51
C ALA A 219 15.65 11.30 15.79
N GLU A 220 15.45 12.51 16.34
CA GLU A 220 16.17 12.94 17.53
C GLU A 220 15.89 12.04 18.73
N GLN A 221 14.71 11.41 18.79
CA GLN A 221 14.40 10.49 19.88
C GLN A 221 14.87 9.07 19.60
N LYS A 222 15.46 8.83 18.44
CA LYS A 222 15.94 7.51 18.06
C LYS A 222 17.45 7.44 17.88
N TRP A 223 18.08 8.51 17.42
CA TRP A 223 19.50 8.51 17.09
C TRP A 223 20.16 9.74 17.70
N ASP A 224 21.48 9.68 17.78
CA ASP A 224 22.28 10.82 18.22
C ASP A 224 22.46 11.74 17.00
N VAL A 225 21.67 12.81 16.94
CA VAL A 225 21.60 13.67 15.78
C VAL A 225 22.47 14.90 16.04
N HIS A 226 23.32 15.23 15.07
CA HIS A 226 24.20 16.40 15.12
C HIS A 226 23.90 17.27 13.90
N LEU A 227 23.21 18.39 14.11
CA LEU A 227 22.82 19.29 13.05
C LEU A 227 23.63 20.58 13.10
N GLY A 228 23.52 21.35 12.01
CA GLY A 228 24.04 22.70 11.92
C GLY A 228 25.52 23.02 11.89
N SER A 229 26.39 22.04 12.07
CA SER A 229 27.83 22.30 12.07
C SER A 229 28.52 21.29 11.17
N PRO A 230 29.25 21.73 10.15
CA PRO A 230 29.98 20.78 9.31
C PRO A 230 31.19 20.21 10.04
N LEU A 231 31.58 19.01 9.64
CA LEU A 231 32.77 18.40 10.23
C LEU A 231 34.03 19.13 9.77
N THR A 232 35.08 19.01 10.58
CA THR A 232 36.35 19.65 10.31
C THR A 232 37.53 18.68 10.24
N SER A 233 37.50 17.59 11.00
CA SER A 233 38.62 16.66 11.01
C SER A 233 38.15 15.30 11.50
N VAL A 234 38.85 14.26 11.05
CA VAL A 234 38.60 12.88 11.45
C VAL A 234 39.93 12.28 11.91
N ARG A 235 39.92 11.63 13.07
CA ARG A 235 41.12 11.04 13.64
C ARG A 235 40.78 9.70 14.25
N GLY A 236 41.52 8.66 13.86
CA GLY A 236 41.28 7.32 14.32
C GLY A 236 42.27 6.93 15.42
N ASP A 237 41.72 6.39 16.50
CA ASP A 237 42.50 6.02 17.69
C ASP A 237 42.32 4.52 17.87
N GLY A 238 43.03 3.76 17.05
CA GLY A 238 42.86 2.31 17.00
C GLY A 238 41.81 1.95 15.98
N ASP A 239 40.86 1.11 16.37
CA ASP A 239 39.69 0.87 15.53
C ASP A 239 38.61 1.94 15.70
N ASN A 240 38.62 2.65 16.83
CA ASN A 240 37.61 3.68 17.08
C ASN A 240 37.86 4.92 16.23
N ILE A 241 36.78 5.52 15.75
CA ILE A 241 36.82 6.70 14.90
C ILE A 241 36.19 7.87 15.65
N ALA A 242 36.86 9.03 15.60
CA ALA A 242 36.35 10.25 16.23
C ALA A 242 36.22 11.33 15.16
N VAL A 243 35.07 12.01 15.14
CA VAL A 243 34.79 13.07 14.17
C VAL A 243 34.58 14.37 14.93
N GLU A 244 35.34 15.39 14.59
CA GLU A 244 35.25 16.70 15.22
C GLU A 244 34.45 17.66 14.34
N LEU A 245 33.49 18.36 14.95
CA LEU A 245 32.65 19.33 14.25
C LEU A 245 33.19 20.74 14.45
N ALA A 246 32.59 21.68 13.71
CA ALA A 246 33.06 23.07 13.76
C ALA A 246 32.77 23.73 15.11
N ASN A 247 31.63 23.41 15.73
CA ASN A 247 31.35 23.96 17.05
C ASN A 247 32.24 23.37 18.13
N GLY A 248 33.03 22.35 17.81
CA GLY A 248 33.96 21.73 18.75
C GLY A 248 33.55 20.37 19.25
N THR A 249 32.32 19.92 18.96
CA THR A 249 31.90 18.61 19.43
C THR A 249 32.63 17.51 18.67
N VAL A 250 32.98 16.45 19.40
CA VAL A 250 33.67 15.31 18.82
C VAL A 250 32.74 14.11 18.95
N VAL A 251 32.30 13.57 17.82
CA VAL A 251 31.42 12.41 17.80
C VAL A 251 32.28 11.21 17.45
N SER A 252 32.41 10.28 18.40
CA SER A 252 33.28 9.13 18.26
C SER A 252 32.47 7.83 18.14
N GLY A 253 33.05 6.87 17.45
CA GLY A 253 32.42 5.59 17.27
C GLY A 253 33.39 4.58 16.68
N ASP A 254 32.87 3.40 16.37
CA ASP A 254 33.70 2.34 15.83
C ASP A 254 33.78 2.36 14.31
N VAL A 255 32.68 2.70 13.64
CA VAL A 255 32.58 2.62 12.18
C VAL A 255 32.08 3.95 11.64
N LEU A 256 32.72 4.43 10.59
CA LEU A 256 32.37 5.69 9.93
C LEU A 256 31.71 5.40 8.60
N LEU A 257 30.44 5.77 8.47
CA LEU A 257 29.72 5.68 7.21
C LEU A 257 29.64 7.06 6.57
N VAL A 258 30.08 7.15 5.32
CA VAL A 258 30.01 8.39 4.55
C VAL A 258 28.83 8.28 3.59
N ALA A 259 27.86 9.17 3.74
CA ALA A 259 26.66 9.20 2.92
C ALA A 259 26.26 10.64 2.63
N VAL A 260 27.24 11.44 2.19
CA VAL A 260 27.01 12.88 1.98
C VAL A 260 26.46 13.22 0.61
N GLY A 261 26.50 12.30 -0.34
CA GLY A 261 25.96 12.57 -1.65
C GLY A 261 26.71 11.82 -2.73
N ARG A 262 26.22 11.97 -3.96
CA ARG A 262 26.74 11.26 -5.12
C ARG A 262 27.10 12.25 -6.22
N GLN A 263 28.12 11.90 -7.00
CA GLN A 263 28.64 12.74 -8.07
C GLN A 263 28.51 12.00 -9.39
N PRO A 264 27.84 12.56 -10.39
CA PRO A 264 27.75 11.89 -11.70
C PRO A 264 29.13 11.64 -12.30
N ASN A 265 29.27 10.48 -12.96
CA ASN A 265 30.55 9.98 -13.41
C ASN A 265 31.03 10.59 -14.72
N GLY A 266 30.37 11.65 -15.20
CA GLY A 266 30.73 12.21 -16.50
C GLY A 266 32.17 12.71 -16.60
N ASP A 267 32.67 13.27 -15.51
CA ASP A 267 34.01 13.89 -15.50
C ASP A 267 35.15 12.89 -15.71
N LEU A 268 34.89 11.61 -15.60
CA LEU A 268 35.94 10.60 -15.67
C LEU A 268 36.12 10.01 -17.07
N LEU A 269 35.30 10.44 -18.04
CA LEU A 269 35.21 9.77 -19.33
C LEU A 269 36.01 10.46 -20.42
N GLY A 270 36.69 11.57 -20.13
CA GLY A 270 37.35 12.32 -21.18
C GLY A 270 36.34 12.84 -22.19
N LEU A 271 35.23 13.37 -21.69
CA LEU A 271 34.09 13.70 -22.55
C LEU A 271 34.39 14.83 -23.54
N ASP A 272 35.29 15.74 -23.20
CA ASP A 272 35.55 16.87 -24.11
C ASP A 272 36.07 16.38 -25.45
N LYS A 273 36.78 15.23 -25.49
CA LYS A 273 37.24 14.67 -26.76
C LYS A 273 36.08 14.25 -27.65
N ALA A 274 34.88 14.07 -27.08
CA ALA A 274 33.70 13.68 -27.82
C ALA A 274 32.74 14.83 -28.10
N GLY A 275 32.98 16.01 -27.53
CA GLY A 275 32.04 17.10 -27.71
C GLY A 275 30.74 16.89 -26.99
N VAL A 276 30.76 16.20 -25.85
CA VAL A 276 29.59 16.00 -25.02
C VAL A 276 29.63 17.02 -23.89
N GLU A 277 28.58 17.83 -23.80
CA GLU A 277 28.58 18.95 -22.88
C GLU A 277 28.27 18.51 -21.45
N LEU A 278 28.98 19.10 -20.50
CA LEU A 278 28.70 18.95 -19.08
C LEU A 278 28.18 20.27 -18.55
N ASP A 279 27.13 20.19 -17.72
CA ASP A 279 26.54 21.41 -17.16
C ASP A 279 27.32 21.84 -15.93
N ASP A 280 26.71 22.63 -15.05
CA ASP A 280 27.48 23.20 -13.94
C ASP A 280 27.69 22.25 -12.76
N LYS A 281 26.99 21.12 -12.64
CA LYS A 281 27.36 20.16 -11.59
C LYS A 281 27.96 18.87 -12.11
N GLY A 282 28.13 18.70 -13.43
CA GLY A 282 28.74 17.49 -13.92
C GLY A 282 27.84 16.44 -14.53
N SER A 283 26.58 16.75 -14.79
CA SER A 283 25.73 15.84 -15.54
C SER A 283 25.88 16.11 -17.03
N VAL A 284 25.83 15.05 -17.83
CA VAL A 284 25.89 15.24 -19.27
C VAL A 284 24.63 15.95 -19.72
N VAL A 285 24.78 16.94 -20.59
CA VAL A 285 23.64 17.73 -21.03
C VAL A 285 22.93 16.98 -22.15
N VAL A 286 21.63 16.76 -21.97
CA VAL A 286 20.78 16.12 -22.96
C VAL A 286 19.48 16.90 -23.04
N ASP A 287 18.71 16.63 -24.09
CA ASP A 287 17.40 17.23 -24.28
C ASP A 287 16.33 16.17 -24.02
N GLU A 288 15.08 16.52 -24.32
CA GLU A 288 13.96 15.60 -24.14
C GLU A 288 14.10 14.32 -24.94
N TYR A 289 15.01 14.29 -25.92
CA TYR A 289 15.27 13.08 -26.70
C TYR A 289 16.49 12.32 -26.18
N GLN A 290 16.92 12.62 -24.96
CA GLN A 290 18.10 11.99 -24.34
C GLN A 290 19.34 12.16 -25.22
N ARG A 291 19.25 13.06 -26.18
CA ARG A 291 20.33 13.35 -27.12
C ARG A 291 21.32 14.31 -26.49
N THR A 292 22.60 13.96 -26.55
CA THR A 292 23.63 14.85 -26.01
C THR A 292 23.93 15.91 -27.07
N THR A 293 24.93 16.76 -26.81
CA THR A 293 25.32 17.76 -27.79
C THR A 293 26.05 17.15 -28.99
N ALA A 294 26.62 15.95 -28.84
CA ALA A 294 27.30 15.28 -29.94
C ALA A 294 26.34 14.36 -30.67
N GLU A 295 26.38 14.39 -31.99
CA GLU A 295 25.67 13.41 -32.80
C GLU A 295 26.08 12.00 -32.38
N GLY A 296 25.16 11.06 -32.59
CA GLY A 296 25.38 9.65 -32.34
C GLY A 296 25.58 9.25 -30.90
N VAL A 297 25.35 10.14 -29.95
CA VAL A 297 25.59 9.85 -28.54
C VAL A 297 24.36 10.22 -27.71
N PHE A 298 23.89 9.28 -26.88
CA PHE A 298 22.86 9.51 -25.88
C PHE A 298 23.46 9.39 -24.48
N ALA A 299 22.69 9.81 -23.49
CA ALA A 299 23.06 9.61 -22.09
C ALA A 299 21.81 9.39 -21.26
N LEU A 300 21.96 8.71 -20.14
CA LEU A 300 20.82 8.43 -19.27
C LEU A 300 21.32 8.08 -17.88
N GLY A 301 20.39 8.11 -16.93
CA GLY A 301 20.68 7.69 -15.58
C GLY A 301 21.32 8.79 -14.76
N ASP A 302 22.01 8.37 -13.70
CA ASP A 302 22.63 9.32 -12.77
C ASP A 302 23.71 10.17 -13.44
N VAL A 303 24.25 9.72 -14.58
CA VAL A 303 25.30 10.48 -15.25
C VAL A 303 24.74 11.72 -15.96
N SER A 304 23.44 11.77 -16.18
CA SER A 304 22.83 12.87 -16.92
C SER A 304 21.58 13.42 -16.26
N SER A 305 20.76 12.56 -15.66
CA SER A 305 19.44 12.96 -15.20
C SER A 305 19.55 13.88 -13.98
N PRO A 306 18.58 14.78 -13.79
CA PRO A 306 18.49 15.51 -12.52
C PRO A 306 17.97 14.64 -11.40
N TYR A 307 17.25 13.57 -11.71
CA TYR A 307 16.70 12.63 -10.74
C TYR A 307 17.55 11.37 -10.76
N GLN A 308 18.40 11.21 -9.73
CA GLN A 308 19.25 10.02 -9.62
C GLN A 308 18.44 8.88 -9.00
N LEU A 309 17.43 8.43 -9.75
CA LEU A 309 16.47 7.45 -9.28
C LEU A 309 16.32 6.36 -10.33
N LYS A 310 16.20 5.11 -9.86
CA LYS A 310 16.18 3.97 -10.79
C LYS A 310 14.96 4.02 -11.69
N HIS A 311 13.76 4.24 -11.13
CA HIS A 311 12.55 4.26 -11.94
C HIS A 311 12.62 5.34 -13.01
N VAL A 312 13.40 6.39 -12.78
CA VAL A 312 13.64 7.39 -13.82
C VAL A 312 14.59 6.82 -14.88
N ALA A 313 15.75 6.34 -14.44
CA ALA A 313 16.74 5.79 -15.38
C ALA A 313 16.16 4.68 -16.24
N ASN A 314 15.22 3.90 -15.71
CA ASN A 314 14.59 2.86 -16.50
C ASN A 314 13.66 3.48 -17.56
N HIS A 315 12.97 4.55 -17.19
CA HIS A 315 12.12 5.26 -18.15
C HIS A 315 12.96 5.89 -19.26
N GLU A 316 14.06 6.54 -18.90
CA GLU A 316 14.91 7.17 -19.91
C GLU A 316 15.51 6.14 -20.85
N ALA A 317 15.78 4.93 -20.35
CA ALA A 317 16.26 3.87 -21.23
C ALA A 317 15.21 3.49 -22.26
N ARG A 318 13.94 3.45 -21.84
CA ARG A 318 12.85 3.21 -22.78
C ARG A 318 12.85 4.24 -23.90
N VAL A 319 13.17 5.49 -23.58
CA VAL A 319 13.21 6.54 -24.60
C VAL A 319 14.44 6.39 -25.48
N VAL A 320 15.62 6.19 -24.85
CA VAL A 320 16.86 6.06 -25.61
C VAL A 320 16.77 4.88 -26.56
N GLN A 321 16.33 3.73 -26.05
CA GLN A 321 16.23 2.50 -26.82
C GLN A 321 15.44 2.72 -28.11
N HIS A 322 14.30 3.39 -28.01
CA HIS A 322 13.45 3.63 -29.17
C HIS A 322 14.07 4.68 -30.09
N ASN A 323 14.50 5.82 -29.53
CA ASN A 323 15.11 6.86 -30.34
C ASN A 323 16.45 6.45 -30.92
N LEU A 324 17.08 5.41 -30.36
CA LEU A 324 18.34 4.92 -30.90
C LEU A 324 18.19 4.38 -32.31
N LEU A 325 17.00 3.89 -32.64
CA LEU A 325 16.76 3.17 -33.89
C LEU A 325 16.29 4.07 -35.01
N GLN A 326 16.11 5.36 -34.76
CA GLN A 326 15.65 6.29 -35.76
C GLN A 326 16.77 7.29 -36.03
N ASP A 327 16.47 8.28 -36.88
CA ASP A 327 17.46 9.32 -37.16
C ASP A 327 17.20 10.49 -36.22
N ALA A 328 17.81 10.42 -35.03
CA ALA A 328 17.55 11.40 -34.00
C ALA A 328 18.04 12.78 -34.43
N TRP A 329 19.19 12.83 -35.09
CA TRP A 329 19.76 14.08 -35.59
C TRP A 329 19.30 14.42 -37.00
N LYS A 330 18.01 14.23 -37.31
CA LYS A 330 17.49 14.55 -38.63
C LYS A 330 15.97 14.74 -38.63
N ASP A 331 15.25 13.90 -37.88
CA ASP A 331 13.79 13.89 -37.90
C ASP A 331 13.33 13.57 -36.48
N THR A 332 12.82 14.59 -35.78
CA THR A 332 12.28 14.46 -34.44
C THR A 332 10.86 13.92 -34.40
N SER A 333 10.21 13.71 -35.55
CA SER A 333 8.80 13.33 -35.54
C SER A 333 8.57 11.93 -35.00
N GLY A 334 9.45 10.99 -35.32
CA GLY A 334 9.25 9.67 -34.76
C GLY A 334 9.83 9.41 -33.39
N LEU A 335 10.39 10.43 -32.72
CA LEU A 335 11.19 10.24 -31.51
C LEU A 335 10.33 10.20 -30.25
N ARG A 336 10.81 9.50 -29.22
CA ARG A 336 10.16 9.50 -27.91
C ARG A 336 10.75 10.65 -27.10
N SER A 337 9.89 11.37 -26.41
CA SER A 337 10.32 12.36 -25.45
C SER A 337 10.18 11.78 -24.05
N THR A 338 11.04 12.25 -23.15
CA THR A 338 11.01 11.82 -21.76
C THR A 338 10.08 12.70 -20.94
N ASP A 339 9.27 12.05 -20.11
CA ASP A 339 8.35 12.73 -19.20
C ASP A 339 9.01 12.79 -17.84
N HIS A 340 9.50 13.98 -17.46
CA HIS A 340 10.16 14.19 -16.18
C HIS A 340 9.28 14.95 -15.19
N ARG A 341 7.96 14.79 -15.29
CA ARG A 341 7.08 15.73 -14.58
C ARG A 341 6.69 15.23 -13.20
N PHE A 342 6.10 14.03 -13.10
CA PHE A 342 5.61 13.58 -11.82
C PHE A 342 6.49 12.48 -11.25
N VAL A 343 7.77 12.81 -11.06
CA VAL A 343 8.78 11.92 -10.51
C VAL A 343 8.56 11.79 -9.01
N PRO A 344 8.29 10.60 -8.49
CA PRO A 344 8.23 10.40 -7.05
C PRO A 344 9.57 9.98 -6.47
N ALA A 345 9.71 10.20 -5.17
CA ALA A 345 10.85 9.70 -4.43
C ALA A 345 10.34 9.12 -3.11
N ALA A 346 11.14 8.22 -2.54
CA ALA A 346 10.81 7.61 -1.27
C ALA A 346 12.09 7.40 -0.47
N VAL A 347 11.95 7.46 0.86
CA VAL A 347 13.03 7.15 1.78
C VAL A 347 12.54 6.03 2.69
N PHE A 348 13.25 4.90 2.68
CA PHE A 348 12.87 3.74 3.48
C PHE A 348 13.56 3.80 4.84
N THR A 349 13.13 4.78 5.64
CA THR A 349 13.58 4.99 7.00
C THR A 349 12.39 4.82 7.94
N ASP A 350 12.61 5.11 9.23
CA ASP A 350 11.52 5.11 10.21
C ASP A 350 11.20 6.53 10.63
N PRO A 351 10.00 7.04 10.38
CA PRO A 351 8.93 6.44 9.57
C PRO A 351 9.25 6.53 8.07
N GLN A 352 8.65 5.67 7.25
CA GLN A 352 8.90 5.71 5.82
C GLN A 352 8.33 6.99 5.22
N ILE A 353 8.99 7.48 4.17
CA ILE A 353 8.63 8.74 3.55
C ILE A 353 8.45 8.51 2.05
N ALA A 354 7.45 9.18 1.48
CA ALA A 354 7.25 9.22 0.04
C ALA A 354 6.71 10.61 -0.30
N ASP A 355 7.08 11.10 -1.48
CA ASP A 355 6.63 12.41 -1.91
C ASP A 355 6.49 12.43 -3.42
N VAL A 356 5.69 13.39 -3.91
CA VAL A 356 5.55 13.63 -5.34
C VAL A 356 5.00 15.03 -5.52
N GLY A 357 5.33 15.65 -6.64
CA GLY A 357 4.77 16.95 -6.95
C GLY A 357 5.50 18.08 -6.25
N MET A 358 4.74 19.10 -5.88
CA MET A 358 5.30 20.32 -5.31
C MET A 358 5.20 20.31 -3.79
N THR A 359 6.22 20.85 -3.13
CA THR A 359 6.16 21.17 -1.72
C THR A 359 5.29 22.42 -1.50
N GLU A 360 4.81 22.57 -0.27
CA GLU A 360 3.98 23.73 0.07
C GLU A 360 4.72 25.04 -0.24
N LYS A 361 6.01 25.11 0.09
CA LYS A 361 6.80 26.28 -0.27
C LYS A 361 6.85 26.46 -1.78
N GLN A 362 7.20 25.39 -2.51
CA GLN A 362 7.27 25.46 -3.97
C GLN A 362 5.94 25.90 -4.58
N ALA A 363 4.84 25.43 -4.01
CA ALA A 363 3.52 25.80 -4.53
C ALA A 363 3.25 27.29 -4.32
N ARG A 364 3.59 27.82 -3.15
CA ARG A 364 3.32 29.23 -2.88
C ARG A 364 4.29 30.14 -3.62
N ASP A 365 5.57 29.76 -3.68
CA ASP A 365 6.54 30.55 -4.43
C ASP A 365 6.16 30.60 -5.91
N ALA A 366 5.57 29.53 -6.43
CA ALA A 366 5.06 29.53 -7.80
C ALA A 366 3.75 30.31 -7.94
N GLY A 367 3.26 30.90 -6.86
CA GLY A 367 2.08 31.76 -6.90
C GLY A 367 0.76 31.09 -7.23
N LEU A 368 0.54 29.86 -6.77
CA LEU A 368 -0.72 29.17 -7.00
C LEU A 368 -1.65 29.34 -5.79
N ASP A 369 -2.95 29.34 -6.08
CA ASP A 369 -3.98 29.46 -5.04
C ASP A 369 -4.30 28.05 -4.54
N ILE A 370 -3.68 27.65 -3.44
CA ILE A 370 -3.66 26.26 -3.03
C ILE A 370 -4.53 26.05 -1.79
N THR A 371 -4.88 24.78 -1.57
CA THR A 371 -5.46 24.29 -0.34
C THR A 371 -4.66 23.08 0.11
N VAL A 372 -4.51 22.91 1.42
CA VAL A 372 -3.67 21.86 1.97
C VAL A 372 -4.44 21.14 3.08
N LYS A 373 -4.32 19.82 3.10
CA LYS A 373 -4.87 18.99 4.17
C LYS A 373 -3.77 18.04 4.64
N VAL A 374 -3.47 18.09 5.93
CA VAL A 374 -2.54 17.16 6.56
C VAL A 374 -3.38 16.14 7.32
N GLN A 375 -3.46 14.92 6.79
CA GLN A 375 -4.25 13.86 7.42
C GLN A 375 -3.33 12.93 8.21
N ALA A 376 -3.68 12.72 9.48
CA ALA A 376 -2.93 11.81 10.33
C ALA A 376 -3.38 10.38 10.12
N TYR A 377 -2.43 9.45 10.12
CA TYR A 377 -2.77 8.03 9.99
C TYR A 377 -3.79 7.62 11.03
N GLY A 378 -3.62 8.06 12.28
CA GLY A 378 -4.46 7.64 13.37
C GLY A 378 -5.87 8.19 13.36
N ASP A 379 -6.26 8.84 12.26
CA ASP A 379 -7.61 9.39 12.13
C ASP A 379 -8.52 8.55 11.26
N VAL A 380 -8.00 7.50 10.62
CA VAL A 380 -8.82 6.53 9.92
C VAL A 380 -8.77 5.22 10.69
N ALA A 381 -9.76 4.36 10.42
CA ALA A 381 -9.92 3.14 11.19
C ALA A 381 -8.65 2.29 11.19
N TYR A 382 -7.94 2.24 10.06
CA TYR A 382 -6.71 1.46 10.01
C TYR A 382 -5.64 2.04 10.91
N GLY A 383 -5.60 3.36 11.06
CA GLY A 383 -4.67 3.98 11.98
C GLY A 383 -4.93 3.57 13.42
N TRP A 384 -6.19 3.31 13.76
CA TRP A 384 -6.50 2.78 15.08
C TRP A 384 -5.97 1.37 15.24
N ALA A 385 -6.10 0.53 14.20
CA ALA A 385 -5.56 -0.82 14.26
C ALA A 385 -4.07 -0.83 14.55
N MET A 386 -3.33 0.16 14.04
CA MET A 386 -1.90 0.24 14.28
C MET A 386 -1.55 1.05 15.52
N GLU A 387 -2.51 1.76 16.11
CA GLU A 387 -2.24 2.72 17.17
C GLU A 387 -1.16 3.72 16.73
N ASP A 388 -1.32 4.24 15.53
CA ASP A 388 -0.33 5.13 14.93
C ASP A 388 -0.45 6.53 15.51
N GLN A 389 0.71 7.17 15.71
CA GLN A 389 0.76 8.55 16.18
C GLN A 389 1.83 9.35 15.44
N GLU A 390 2.41 8.80 14.39
CA GLU A 390 3.45 9.46 13.60
C GLU A 390 3.04 9.68 12.16
N GLY A 391 2.17 8.83 11.61
CA GLY A 391 1.89 8.89 10.18
C GLY A 391 1.09 10.12 9.80
N ILE A 392 1.42 10.67 8.64
CA ILE A 392 0.66 11.77 8.04
C ILE A 392 0.59 11.59 6.54
N CYS A 393 -0.51 12.05 5.95
CA CYS A 393 -0.65 12.17 4.50
C CYS A 393 -0.97 13.61 4.18
N LYS A 394 -0.01 14.32 3.58
CA LYS A 394 -0.15 15.73 3.24
C LYS A 394 -0.38 15.85 1.74
N VAL A 395 -1.52 16.43 1.36
CA VAL A 395 -1.87 16.63 -0.04
C VAL A 395 -2.02 18.13 -0.30
N ILE A 396 -1.38 18.61 -1.35
CA ILE A 396 -1.49 19.99 -1.78
C ILE A 396 -2.29 20.00 -3.07
N ALA A 397 -3.48 20.57 -3.02
CA ALA A 397 -4.34 20.66 -4.18
C ALA A 397 -4.65 22.12 -4.46
N GLU A 398 -5.09 22.40 -5.69
CA GLU A 398 -5.37 23.76 -6.12
C GLU A 398 -6.82 24.10 -5.82
N ARG A 399 -7.04 25.29 -5.27
CA ARG A 399 -8.40 25.76 -5.05
C ARG A 399 -9.09 26.02 -6.38
N GLY A 400 -10.39 25.76 -6.42
CA GLY A 400 -11.15 25.92 -7.65
C GLY A 400 -11.20 24.68 -8.52
N THR A 401 -10.05 24.22 -9.01
CA THR A 401 -10.04 23.07 -9.90
C THR A 401 -9.83 21.74 -9.17
N GLY A 402 -9.25 21.76 -7.97
CA GLY A 402 -8.95 20.54 -7.25
C GLY A 402 -7.82 19.72 -7.83
N ARG A 403 -7.17 20.22 -8.88
CA ARG A 403 -6.02 19.58 -9.48
C ARG A 403 -4.87 19.49 -8.49
N ILE A 404 -4.41 18.28 -8.19
CA ILE A 404 -3.36 18.08 -7.20
C ILE A 404 -2.05 18.65 -7.73
N LEU A 405 -1.27 19.25 -6.84
CA LEU A 405 0.06 19.76 -7.17
C LEU A 405 1.18 19.04 -6.43
N GLY A 406 0.88 18.41 -5.30
CA GLY A 406 1.89 17.70 -4.55
C GLY A 406 1.26 16.81 -3.50
N ALA A 407 2.06 15.84 -3.04
CA ALA A 407 1.62 14.92 -2.00
C ALA A 407 2.84 14.43 -1.23
N HIS A 408 2.71 14.39 0.10
CA HIS A 408 3.82 14.01 0.95
C HIS A 408 3.31 13.13 2.08
N VAL A 409 3.79 11.89 2.12
CA VAL A 409 3.33 10.88 3.08
C VAL A 409 4.51 10.45 3.93
N MET A 410 4.34 10.47 5.24
CA MET A 410 5.34 9.98 6.18
C MET A 410 4.65 8.95 7.08
N GLY A 411 5.04 7.70 6.95
CA GLY A 411 4.37 6.64 7.69
C GLY A 411 4.51 5.31 6.98
N THR A 412 3.83 4.30 7.56
CA THR A 412 3.93 2.93 7.09
C THR A 412 3.55 2.84 5.61
N GLN A 413 4.36 2.10 4.85
CA GLN A 413 4.09 1.81 3.44
C GLN A 413 3.90 3.09 2.64
N ALA A 414 4.59 4.16 3.03
CA ALA A 414 4.52 5.44 2.32
C ALA A 414 4.72 5.30 0.80
N PRO A 415 5.71 4.56 0.29
CA PRO A 415 5.87 4.47 -1.16
C PRO A 415 4.71 3.76 -1.85
N THR A 416 3.97 2.91 -1.15
CA THR A 416 2.80 2.26 -1.72
C THR A 416 1.53 3.09 -1.52
N VAL A 417 1.39 3.72 -0.34
CA VAL A 417 0.20 4.52 -0.05
C VAL A 417 0.09 5.69 -1.01
N ILE A 418 1.23 6.24 -1.44
CA ILE A 418 1.20 7.45 -2.26
C ILE A 418 0.88 7.17 -3.72
N GLN A 419 1.05 5.94 -4.19
CA GLN A 419 0.90 5.66 -5.63
C GLN A 419 -0.42 6.12 -6.23
N PRO A 420 -1.59 5.93 -5.59
CA PRO A 420 -2.82 6.50 -6.17
C PRO A 420 -2.73 7.99 -6.44
N LEU A 421 -1.94 8.72 -5.66
CA LEU A 421 -1.75 10.14 -5.91
C LEU A 421 -0.83 10.38 -7.11
N ILE A 422 0.29 9.65 -7.18
CA ILE A 422 1.14 9.69 -8.37
C ILE A 422 0.32 9.43 -9.63
N GLN A 423 -0.48 8.37 -9.61
CA GLN A 423 -1.28 8.01 -10.78
C GLN A 423 -2.28 9.11 -11.12
N ALA A 424 -3.08 9.51 -10.12
CA ALA A 424 -4.10 10.52 -10.35
C ALA A 424 -3.50 11.82 -10.85
N MET A 425 -2.37 12.24 -10.27
CA MET A 425 -1.66 13.39 -10.78
C MET A 425 -1.23 13.15 -12.22
N SER A 426 -0.59 12.01 -12.48
CA SER A 426 0.05 11.76 -13.79
C SER A 426 -0.96 11.82 -14.93
N PHE A 427 -2.21 11.51 -14.67
CA PHE A 427 -3.25 11.55 -15.69
C PHE A 427 -4.26 12.67 -15.42
N GLY A 428 -3.82 13.71 -14.73
CA GLY A 428 -4.62 14.91 -14.55
C GLY A 428 -5.90 14.70 -13.78
N LEU A 429 -5.95 13.69 -12.92
CA LEU A 429 -7.16 13.42 -12.16
C LEU A 429 -7.28 14.40 -11.00
N SER A 430 -8.46 15.04 -10.90
CA SER A 430 -8.75 16.01 -9.87
C SER A 430 -9.06 15.35 -8.52
N ALA A 431 -8.89 16.12 -7.45
CA ALA A 431 -9.14 15.60 -6.10
C ALA A 431 -10.61 15.31 -5.89
N GLN A 432 -11.50 16.16 -6.40
CA GLN A 432 -12.93 15.96 -6.21
C GLN A 432 -13.39 14.65 -6.84
N ASP A 433 -12.79 14.27 -7.98
CA ASP A 433 -13.14 13.00 -8.61
C ASP A 433 -12.44 11.84 -7.92
N MET A 434 -11.14 11.98 -7.65
CA MET A 434 -10.38 10.89 -7.05
C MET A 434 -10.97 10.48 -5.72
N ALA A 435 -11.40 11.47 -4.93
CA ALA A 435 -11.96 11.20 -3.62
C ALA A 435 -13.26 10.43 -3.72
N ARG A 436 -14.24 10.99 -4.44
CA ARG A 436 -15.60 10.45 -4.47
C ARG A 436 -15.93 9.65 -5.73
N GLY A 437 -15.19 9.86 -6.82
CA GLY A 437 -15.46 9.17 -8.07
C GLY A 437 -14.93 7.76 -8.15
N GLN A 438 -14.51 7.18 -7.02
CA GLN A 438 -14.02 5.82 -6.98
C GLN A 438 -14.24 5.29 -5.57
N TYR A 439 -14.19 3.97 -5.45
CA TYR A 439 -14.35 3.33 -4.15
C TYR A 439 -12.99 3.10 -3.49
N TRP A 440 -12.95 3.28 -2.18
CA TRP A 440 -11.78 2.99 -1.36
C TRP A 440 -12.13 1.89 -0.37
N ILE A 441 -11.24 0.91 -0.25
CA ILE A 441 -11.52 -0.27 0.58
C ILE A 441 -11.50 0.13 2.05
N HIS A 442 -12.52 -0.31 2.79
CA HIS A 442 -12.63 -0.04 4.22
C HIS A 442 -12.45 -1.32 5.01
N PRO A 443 -11.60 -1.32 6.04
CA PRO A 443 -10.64 -0.28 6.40
C PRO A 443 -9.22 -0.66 6.04
N ALA A 444 -8.57 0.11 5.15
CA ALA A 444 -7.22 -0.15 4.72
C ALA A 444 -6.38 1.11 4.87
N LEU A 445 -5.06 0.96 4.72
CA LEU A 445 -4.18 2.10 4.76
C LEU A 445 -4.53 3.13 3.70
N ALA A 446 -5.17 2.70 2.60
CA ALA A 446 -5.50 3.61 1.51
C ALA A 446 -6.40 4.75 1.98
N GLU A 447 -7.27 4.49 2.96
CA GLU A 447 -8.24 5.49 3.40
C GLU A 447 -7.59 6.77 3.91
N VAL A 448 -6.31 6.73 4.28
CA VAL A 448 -5.63 7.95 4.72
C VAL A 448 -5.54 8.93 3.56
N VAL A 449 -5.32 8.43 2.34
CA VAL A 449 -5.32 9.28 1.15
C VAL A 449 -6.71 9.84 0.90
N GLU A 450 -7.72 8.96 0.97
CA GLU A 450 -9.11 9.37 0.73
C GLU A 450 -9.52 10.53 1.61
N ASN A 451 -9.24 10.43 2.92
CA ASN A 451 -9.62 11.51 3.83
C ASN A 451 -8.77 12.75 3.64
N ALA A 452 -7.51 12.58 3.24
CA ALA A 452 -6.70 13.74 2.87
C ALA A 452 -7.37 14.54 1.77
N LEU A 453 -7.92 13.85 0.76
CA LEU A 453 -8.63 14.52 -0.31
C LEU A 453 -9.94 15.13 0.20
N LEU A 454 -10.64 14.42 1.10
CA LEU A 454 -11.90 14.92 1.62
C LEU A 454 -11.71 16.18 2.46
N GLY A 455 -10.55 16.34 3.09
CA GLY A 455 -10.24 17.50 3.90
C GLY A 455 -9.78 18.74 3.15
N LEU A 456 -9.61 18.66 1.84
CA LEU A 456 -9.11 19.79 1.07
C LEU A 456 -10.20 20.84 0.88
N ASP A 457 -9.81 22.11 1.06
CA ASP A 457 -10.73 23.23 0.88
C ASP A 457 -10.90 23.45 -0.63
N ILE A 458 -12.05 23.02 -1.14
CA ILE A 458 -12.35 23.04 -2.57
C ILE A 458 -11.39 22.12 -3.31
N MET B 1 -49.89 11.25 17.70
CA MET B 1 -48.69 10.84 16.99
C MET B 1 -47.81 12.04 16.69
N THR B 2 -46.50 11.88 16.85
CA THR B 2 -45.55 12.94 16.55
C THR B 2 -45.13 12.86 15.10
N HIS B 3 -45.18 14.00 14.41
CA HIS B 3 -44.85 14.08 13.00
C HIS B 3 -43.44 14.63 12.82
N TYR B 4 -42.74 14.09 11.81
CA TYR B 4 -41.39 14.51 11.47
C TYR B 4 -41.30 14.71 9.97
N ASP B 5 -40.32 15.51 9.56
CA ASP B 5 -39.99 15.56 8.14
C ASP B 5 -39.15 14.36 7.74
N LEU B 6 -38.44 13.76 8.69
CA LEU B 6 -37.53 12.66 8.38
C LEU B 6 -37.50 11.67 9.54
N ALA B 7 -37.64 10.39 9.21
CA ALA B 7 -37.41 9.29 10.13
C ALA B 7 -36.33 8.39 9.56
N ILE B 8 -35.41 7.95 10.41
CA ILE B 8 -34.29 7.10 9.99
C ILE B 8 -34.29 5.86 10.86
N ILE B 9 -34.43 4.69 10.25
CA ILE B 9 -34.34 3.41 10.93
C ILE B 9 -32.91 2.90 10.77
N GLY B 10 -32.13 2.94 11.84
CA GLY B 10 -30.77 2.44 11.78
C GLY B 10 -29.71 3.51 11.97
N SER B 11 -28.88 3.35 13.01
CA SER B 11 -27.83 4.30 13.33
C SER B 11 -26.49 3.96 12.66
N GLY B 12 -26.49 3.07 11.69
CA GLY B 12 -25.28 2.77 10.94
C GLY B 12 -24.99 3.84 9.92
N SER B 13 -25.14 3.53 8.64
CA SER B 13 -25.00 4.55 7.61
C SER B 13 -26.11 5.59 7.68
N GLY B 14 -27.20 5.29 8.41
CA GLY B 14 -28.26 6.26 8.57
C GLY B 14 -27.83 7.51 9.31
N ASN B 15 -26.90 7.36 10.25
CA ASN B 15 -26.42 8.50 11.01
C ASN B 15 -25.64 9.51 10.17
N SER B 16 -25.14 9.09 9.01
CA SER B 16 -24.34 9.96 8.17
C SER B 16 -25.18 10.90 7.30
N LEU B 17 -26.51 10.74 7.32
CA LEU B 17 -27.38 11.55 6.48
C LEU B 17 -27.60 12.97 7.01
N PRO B 18 -27.97 13.18 8.28
CA PRO B 18 -28.25 14.54 8.75
C PRO B 18 -26.99 15.39 8.83
N ASP B 19 -26.95 16.46 8.04
CA ASP B 19 -25.88 17.44 8.11
C ASP B 19 -26.50 18.83 8.28
N GLU B 20 -25.71 19.86 7.95
CA GLU B 20 -26.16 21.24 8.14
C GLU B 20 -27.40 21.56 7.32
N ARG B 21 -27.46 21.08 6.07
CA ARG B 21 -28.55 21.45 5.17
C ARG B 21 -29.92 20.95 5.63
N PHE B 22 -29.95 20.18 6.72
CA PHE B 22 -31.18 19.64 7.27
C PHE B 22 -31.56 20.29 8.60
N ASP B 23 -30.83 21.34 9.01
CA ASP B 23 -31.03 21.91 10.34
C ASP B 23 -32.46 22.39 10.56
N GLY B 24 -33.11 22.90 9.52
CA GLY B 24 -34.46 23.42 9.69
C GLY B 24 -35.56 22.39 9.74
N LYS B 25 -35.23 21.10 9.83
CA LYS B 25 -36.20 20.02 9.77
C LYS B 25 -36.00 19.12 10.99
N LYS B 26 -37.09 18.67 11.60
CA LYS B 26 -36.97 17.74 12.71
C LYS B 26 -36.84 16.30 12.22
N ILE B 27 -35.89 15.57 12.81
CA ILE B 27 -35.54 14.21 12.38
C ILE B 27 -35.75 13.28 13.57
N ALA B 28 -36.23 12.07 13.28
CA ALA B 28 -36.34 11.00 14.26
C ALA B 28 -35.43 9.84 13.85
N ILE B 29 -34.60 9.39 14.79
CA ILE B 29 -33.67 8.28 14.55
C ILE B 29 -34.04 7.15 15.49
N LEU B 30 -34.10 5.93 14.95
CA LEU B 30 -34.45 4.74 15.71
C LEU B 30 -33.29 3.76 15.71
N GLU B 31 -32.92 3.29 16.91
CA GLU B 31 -31.78 2.40 17.10
C GLU B 31 -32.13 1.38 18.17
N GLU B 32 -32.27 0.11 17.76
CA GLU B 32 -32.62 -0.95 18.69
C GLU B 32 -31.40 -1.52 19.40
N GLY B 33 -30.22 -1.42 18.80
CA GLY B 33 -29.01 -1.97 19.38
C GLY B 33 -28.00 -0.90 19.75
N THR B 34 -26.72 -1.25 19.60
CA THR B 34 -25.64 -0.32 19.92
C THR B 34 -25.59 0.80 18.89
N PHE B 35 -25.34 2.03 19.36
CA PHE B 35 -25.25 3.16 18.47
C PHE B 35 -24.04 3.06 17.55
N GLY B 36 -24.22 3.50 16.30
CA GLY B 36 -23.16 3.45 15.31
C GLY B 36 -23.24 2.31 14.33
N GLY B 37 -24.18 1.38 14.50
CA GLY B 37 -24.35 0.29 13.56
C GLY B 37 -23.31 -0.81 13.70
N THR B 38 -23.42 -1.78 12.78
CA THR B 38 -22.60 -2.99 12.85
C THR B 38 -21.15 -2.58 12.62
N CYS B 39 -20.92 -1.69 11.66
CA CYS B 39 -19.54 -1.38 11.25
C CYS B 39 -18.67 -0.96 12.43
N LEU B 40 -19.12 0.06 13.16
CA LEU B 40 -18.36 0.54 14.31
C LEU B 40 -18.21 -0.40 15.49
N ASN B 41 -19.29 -1.07 15.87
CA ASN B 41 -19.37 -1.75 17.17
C ASN B 41 -19.01 -3.23 17.13
N VAL B 42 -19.32 -3.94 16.04
CA VAL B 42 -19.14 -5.38 16.01
C VAL B 42 -18.68 -5.83 14.62
N GLY B 43 -18.16 -4.91 13.82
CA GLY B 43 -17.88 -5.25 12.44
C GLY B 43 -16.53 -4.80 11.88
N CYS B 44 -16.57 -3.90 10.89
CA CYS B 44 -15.39 -3.60 10.08
C CYS B 44 -14.22 -3.11 10.94
N ILE B 45 -14.46 -2.13 11.79
CA ILE B 45 -13.39 -1.45 12.50
C ILE B 45 -12.82 -2.30 13.64
N PRO B 46 -13.61 -2.78 14.59
CA PRO B 46 -13.00 -3.54 15.70
C PRO B 46 -12.35 -4.83 15.23
N THR B 47 -12.89 -5.46 14.18
CA THR B 47 -12.30 -6.68 13.66
C THR B 47 -10.87 -6.45 13.20
N LYS B 48 -10.65 -5.41 12.38
CA LYS B 48 -9.33 -5.16 11.82
C LYS B 48 -8.32 -4.73 12.87
N MET B 49 -8.78 -4.27 14.03
CA MET B 49 -7.87 -3.98 15.13
C MET B 49 -7.30 -5.27 15.70
N PHE B 50 -8.11 -6.34 15.73
CA PHE B 50 -7.59 -7.64 16.15
C PHE B 50 -6.70 -8.25 15.08
N VAL B 51 -7.10 -8.12 13.81
CA VAL B 51 -6.28 -8.62 12.71
C VAL B 51 -4.89 -8.03 12.77
N TYR B 52 -4.79 -6.73 13.08
CA TYR B 52 -3.47 -6.09 13.16
C TYR B 52 -2.62 -6.73 14.24
N ALA B 53 -3.19 -6.96 15.42
CA ALA B 53 -2.43 -7.61 16.49
C ALA B 53 -2.05 -9.04 16.11
N ALA B 54 -2.90 -9.72 15.33
CA ALA B 54 -2.56 -11.06 14.86
C ALA B 54 -1.42 -11.02 13.84
N GLU B 55 -1.39 -9.98 12.99
CA GLU B 55 -0.30 -9.87 12.03
C GLU B 55 1.02 -9.53 12.72
N VAL B 56 0.97 -8.77 13.82
CA VAL B 56 2.18 -8.53 14.60
C VAL B 56 2.72 -9.84 15.17
N ALA B 57 1.82 -10.69 15.68
CA ALA B 57 2.24 -11.98 16.20
C ALA B 57 2.84 -12.85 15.10
N ARG B 58 2.24 -12.82 13.91
CA ARG B 58 2.77 -13.61 12.80
C ARG B 58 4.16 -13.13 12.42
N THR B 59 4.38 -11.81 12.44
CA THR B 59 5.71 -11.27 12.21
C THR B 59 6.73 -11.91 13.14
N ILE B 60 6.33 -12.18 14.38
CA ILE B 60 7.27 -12.64 15.40
C ILE B 60 7.60 -14.11 15.24
N THR B 61 6.60 -14.95 14.93
CA THR B 61 6.84 -16.38 14.79
C THR B 61 7.62 -16.73 13.53
N THR B 62 7.64 -15.84 12.54
CA THR B 62 8.34 -16.06 11.28
C THR B 62 9.64 -15.28 11.16
N ALA B 63 10.01 -14.51 12.20
CA ALA B 63 11.15 -13.60 12.09
C ALA B 63 12.46 -14.31 11.76
N GLU B 64 12.55 -15.62 11.96
CA GLU B 64 13.82 -16.32 11.74
C GLU B 64 14.24 -16.29 10.28
N LYS B 65 13.29 -16.44 9.35
CA LYS B 65 13.62 -16.45 7.93
C LYS B 65 14.26 -15.15 7.45
N TYR B 66 14.20 -14.09 8.26
CA TYR B 66 14.88 -12.84 7.94
C TYR B 66 16.18 -12.68 8.69
N GLY B 67 16.54 -13.62 9.57
CA GLY B 67 17.73 -13.48 10.38
C GLY B 67 17.55 -12.72 11.68
N VAL B 68 16.33 -12.61 12.18
CA VAL B 68 16.05 -11.95 13.46
C VAL B 68 15.43 -13.00 14.37
N ASP B 69 16.05 -13.22 15.53
CA ASP B 69 15.61 -14.23 16.47
C ASP B 69 14.73 -13.59 17.54
N ALA B 70 13.52 -14.13 17.71
CA ALA B 70 12.59 -13.65 18.72
C ALA B 70 11.67 -14.78 19.11
N THR B 71 11.07 -14.65 20.29
CA THR B 71 10.16 -15.65 20.83
C THR B 71 8.82 -14.99 21.16
N LEU B 72 7.73 -15.63 20.73
CA LEU B 72 6.39 -15.20 21.13
C LEU B 72 6.11 -15.78 22.51
N ASP B 73 6.32 -14.97 23.55
CA ASP B 73 6.15 -15.44 24.92
C ASP B 73 4.68 -15.71 25.23
N GLY B 74 3.81 -14.75 24.96
CA GLY B 74 2.38 -14.93 25.19
C GLY B 74 1.61 -13.76 24.65
N VAL B 75 0.28 -13.90 24.72
CA VAL B 75 -0.65 -12.87 24.27
C VAL B 75 -1.62 -12.56 25.41
N ARG B 76 -1.85 -11.27 25.65
CA ARG B 76 -2.75 -10.84 26.71
C ARG B 76 -4.07 -10.47 26.05
N TRP B 77 -4.88 -11.52 25.82
CA TRP B 77 -6.14 -11.36 25.09
C TRP B 77 -7.05 -10.34 25.76
N SER B 78 -7.21 -10.44 27.08
CA SER B 78 -8.01 -9.46 27.82
C SER B 78 -7.55 -8.04 27.53
N ASP B 79 -6.23 -7.81 27.52
CA ASP B 79 -5.71 -6.48 27.26
C ASP B 79 -5.90 -6.06 25.82
N ILE B 80 -5.96 -7.01 24.88
CA ILE B 80 -6.30 -6.68 23.50
C ILE B 80 -7.76 -6.24 23.40
N VAL B 81 -8.67 -7.04 23.97
CA VAL B 81 -10.07 -6.68 24.01
C VAL B 81 -10.25 -5.33 24.70
N LYS B 82 -9.50 -5.12 25.79
CA LYS B 82 -9.54 -3.88 26.53
C LYS B 82 -9.10 -2.70 25.67
N ARG B 83 -8.03 -2.89 24.89
CA ARG B 83 -7.49 -1.80 24.07
C ARG B 83 -8.43 -1.43 22.93
N VAL B 84 -9.01 -2.44 22.27
CA VAL B 84 -9.87 -2.17 21.11
C VAL B 84 -11.13 -1.45 21.53
N PHE B 85 -11.92 -2.07 22.40
CA PHE B 85 -13.19 -1.50 22.80
C PHE B 85 -13.02 -0.35 23.79
N GLY B 86 -11.86 -0.24 24.42
CA GLY B 86 -11.52 0.95 25.16
C GLY B 86 -11.54 2.21 24.32
N ARG B 87 -11.42 2.08 23.00
CA ARG B 87 -11.59 3.19 22.07
C ARG B 87 -12.91 3.16 21.33
N ILE B 88 -13.47 1.97 21.07
CA ILE B 88 -14.70 1.86 20.31
C ILE B 88 -15.88 2.39 21.14
N ASP B 89 -16.03 1.87 22.35
CA ASP B 89 -17.21 2.19 23.15
C ASP B 89 -17.36 3.68 23.49
N PRO B 90 -16.31 4.44 23.80
CA PRO B 90 -16.51 5.89 23.98
C PRO B 90 -16.95 6.59 22.71
N ILE B 91 -16.63 6.04 21.54
CA ILE B 91 -16.96 6.70 20.27
C ILE B 91 -18.41 6.45 19.89
N SER B 92 -18.83 5.18 19.91
CA SER B 92 -20.24 4.86 19.68
C SER B 92 -21.13 5.65 20.62
N ALA B 93 -20.73 5.73 21.88
CA ALA B 93 -21.50 6.39 22.93
C ALA B 93 -21.38 7.92 22.90
N GLY B 94 -20.26 8.46 22.43
CA GLY B 94 -20.17 9.90 22.27
C GLY B 94 -21.09 10.42 21.18
N GLY B 95 -21.25 9.65 20.11
CA GLY B 95 -22.18 10.03 19.06
C GLY B 95 -23.64 9.90 19.48
N GLU B 96 -23.96 8.85 20.23
CA GLU B 96 -25.33 8.68 20.75
C GLU B 96 -25.76 9.91 21.55
N ARG B 97 -24.88 10.39 22.42
CA ARG B 97 -25.12 11.65 23.13
C ARG B 97 -25.38 12.79 22.16
N TYR B 98 -24.43 13.03 21.26
CA TYR B 98 -24.54 14.12 20.29
C TYR B 98 -25.93 14.16 19.66
N ARG B 99 -26.46 13.00 19.28
CA ARG B 99 -27.74 12.97 18.59
C ARG B 99 -28.93 13.13 19.52
N SER B 100 -28.80 12.77 20.80
CA SER B 100 -29.91 12.88 21.73
C SER B 100 -29.80 14.06 22.69
N GLU B 101 -28.65 14.72 22.78
CA GLU B 101 -28.42 15.75 23.78
C GLU B 101 -28.12 17.10 23.17
N ASP B 102 -27.16 17.16 22.22
CA ASP B 102 -27.04 18.35 21.40
C ASP B 102 -28.29 18.55 20.56
N SER B 103 -28.79 17.45 19.95
CA SER B 103 -30.05 17.29 19.23
C SER B 103 -30.71 18.61 18.88
N PRO B 104 -30.16 19.36 17.91
CA PRO B 104 -30.80 20.63 17.54
C PRO B 104 -32.21 20.43 17.01
N ASN B 105 -32.41 19.38 16.21
CA ASN B 105 -33.74 19.04 15.73
C ASN B 105 -33.87 17.53 15.58
N THR B 106 -33.32 16.79 16.54
CA THR B 106 -33.22 15.35 16.44
C THR B 106 -33.82 14.68 17.68
N THR B 107 -34.49 13.56 17.46
CA THR B 107 -35.04 12.75 18.55
C THR B 107 -34.61 11.31 18.31
N VAL B 108 -34.03 10.68 19.33
CA VAL B 108 -33.53 9.31 19.24
C VAL B 108 -34.49 8.40 20.00
N TYR B 109 -34.87 7.31 19.36
CA TYR B 109 -35.71 6.28 19.98
C TYR B 109 -34.91 4.99 20.10
N ARG B 110 -34.94 4.38 21.28
CA ARG B 110 -34.23 3.15 21.54
C ARG B 110 -35.22 1.98 21.60
N GLY B 111 -35.72 1.61 20.43
CA GLY B 111 -36.64 0.49 20.33
C GLY B 111 -36.67 -0.04 18.93
N HIS B 112 -37.21 -1.24 18.78
CA HIS B 112 -37.34 -1.86 17.47
C HIS B 112 -38.47 -1.18 16.70
N ALA B 113 -38.10 -0.50 15.61
CA ALA B 113 -39.09 0.19 14.81
C ALA B 113 -39.80 -0.78 13.88
N THR B 114 -41.09 -0.51 13.63
CA THR B 114 -41.90 -1.37 12.79
C THR B 114 -42.94 -0.53 12.08
N PHE B 115 -43.04 -0.71 10.76
CA PHE B 115 -44.05 -0.02 9.97
C PHE B 115 -45.43 -0.55 10.32
N THR B 116 -46.31 0.35 10.78
CA THR B 116 -47.71 0.03 10.97
C THR B 116 -48.61 0.62 9.89
N GLY B 117 -48.09 1.51 9.05
CA GLY B 117 -48.87 2.16 8.02
C GLY B 117 -48.01 2.67 6.87
N ASP B 118 -48.47 3.74 6.23
CA ASP B 118 -47.84 4.33 5.05
C ASP B 118 -46.44 4.82 5.44
N LYS B 119 -46.39 5.90 6.22
CA LYS B 119 -45.16 6.35 6.86
C LYS B 119 -45.32 6.28 8.37
N THR B 120 -46.08 5.29 8.83
CA THR B 120 -46.42 5.13 10.23
C THR B 120 -45.54 4.04 10.83
N ILE B 121 -44.79 4.39 11.87
CA ILE B 121 -43.77 3.52 12.44
C ILE B 121 -44.03 3.37 13.92
N ASP B 122 -44.24 2.13 14.37
CA ASP B 122 -44.21 1.82 15.79
C ASP B 122 -42.75 1.83 16.24
N THR B 123 -42.46 2.63 17.26
CA THR B 123 -41.07 2.85 17.68
C THR B 123 -40.48 1.70 18.47
N GLY B 124 -41.31 0.79 18.97
CA GLY B 124 -40.84 -0.20 19.92
C GLY B 124 -40.65 0.34 21.32
N THR B 125 -40.84 1.64 21.52
CA THR B 125 -40.80 2.27 22.84
C THR B 125 -42.20 2.54 23.39
N GLY B 126 -43.23 2.03 22.72
CA GLY B 126 -44.60 2.34 23.08
C GLY B 126 -45.16 3.57 22.40
N GLU B 127 -44.49 4.09 21.39
CA GLU B 127 -44.95 5.26 20.64
C GLU B 127 -45.11 4.90 19.18
N THR B 128 -45.75 5.80 18.44
CA THR B 128 -45.92 5.69 17.00
C THR B 128 -45.76 7.07 16.39
N ILE B 129 -44.99 7.16 15.31
CA ILE B 129 -44.63 8.44 14.71
C ILE B 129 -44.96 8.46 13.22
N THR B 130 -44.88 9.67 12.64
CA THR B 130 -45.09 9.88 11.22
C THR B 130 -43.97 10.71 10.61
N ALA B 131 -43.75 10.54 9.31
CA ALA B 131 -42.65 11.24 8.64
C ALA B 131 -43.05 11.60 7.23
N ASP B 132 -42.51 12.73 6.75
CA ASP B 132 -42.69 13.09 5.35
C ASP B 132 -41.87 12.18 4.45
N GLN B 133 -40.64 11.87 4.85
CA GLN B 133 -39.79 10.91 4.18
C GLN B 133 -39.19 9.97 5.22
N VAL B 134 -38.93 8.74 4.81
CA VAL B 134 -38.35 7.73 5.69
C VAL B 134 -37.19 7.07 4.95
N VAL B 135 -36.11 6.79 5.67
CA VAL B 135 -34.96 6.09 5.14
C VAL B 135 -34.75 4.83 5.97
N ILE B 136 -34.61 3.69 5.29
CA ILE B 136 -34.37 2.41 5.94
C ILE B 136 -32.88 2.13 5.87
N ALA B 137 -32.23 2.09 7.02
CA ALA B 137 -30.82 1.76 7.16
C ALA B 137 -30.65 0.62 8.15
N ALA B 138 -31.51 -0.40 8.04
CA ALA B 138 -31.59 -1.45 9.04
C ALA B 138 -30.45 -2.46 8.98
N GLY B 139 -29.61 -2.40 7.94
CA GLY B 139 -28.48 -3.31 7.87
C GLY B 139 -28.91 -4.78 7.84
N SER B 140 -27.99 -5.64 8.24
CA SER B 140 -28.20 -7.07 8.22
C SER B 140 -27.85 -7.66 9.59
N ARG B 141 -28.16 -8.95 9.74
CA ARG B 141 -27.95 -9.69 10.97
C ARG B 141 -27.40 -11.06 10.64
N PRO B 142 -26.64 -11.67 11.54
CA PRO B 142 -26.08 -13.00 11.27
C PRO B 142 -27.16 -14.05 11.04
N ILE B 143 -26.88 -14.96 10.11
CA ILE B 143 -27.73 -16.12 9.87
C ILE B 143 -27.27 -17.25 10.78
N ILE B 144 -28.21 -17.86 11.50
CA ILE B 144 -27.92 -18.98 12.40
C ILE B 144 -28.64 -20.21 11.88
N PRO B 145 -27.93 -21.28 11.53
CA PRO B 145 -28.61 -22.51 11.12
C PRO B 145 -29.49 -23.05 12.25
N GLU B 146 -30.56 -23.74 11.87
CA GLU B 146 -31.51 -24.24 12.86
C GLU B 146 -30.86 -25.30 13.75
N GLU B 147 -30.00 -26.15 13.18
CA GLU B 147 -29.33 -27.19 13.96
C GLU B 147 -28.59 -26.60 15.16
N ILE B 148 -28.08 -25.37 15.02
CA ILE B 148 -27.35 -24.73 16.11
C ILE B 148 -28.32 -24.11 17.11
N ALA B 149 -29.31 -23.36 16.61
CA ALA B 149 -30.25 -22.65 17.47
C ALA B 149 -31.35 -23.57 18.02
N SER B 150 -31.11 -24.86 18.06
CA SER B 150 -31.99 -25.85 18.69
C SER B 150 -31.23 -26.75 19.65
N SER B 151 -29.97 -27.09 19.34
CA SER B 151 -29.17 -27.96 20.20
C SER B 151 -29.05 -27.43 21.62
N GLY B 152 -29.09 -26.11 21.80
CA GLY B 152 -28.88 -25.52 23.10
C GLY B 152 -27.43 -25.28 23.47
N VAL B 153 -26.50 -25.47 22.54
CA VAL B 153 -25.08 -25.28 22.83
C VAL B 153 -24.73 -23.81 22.71
N LYS B 154 -23.74 -23.38 23.48
CA LYS B 154 -23.28 -22.00 23.42
C LYS B 154 -22.49 -21.77 22.13
N TYR B 155 -22.94 -20.81 21.33
CA TYR B 155 -22.28 -20.43 20.09
C TYR B 155 -22.06 -18.92 20.06
N TYR B 156 -21.14 -18.49 19.20
CA TYR B 156 -20.80 -17.08 19.10
C TYR B 156 -20.96 -16.57 17.68
N THR B 157 -21.14 -15.25 17.58
CA THR B 157 -21.14 -14.53 16.31
C THR B 157 -20.20 -13.33 16.44
N ASN B 158 -20.18 -12.47 15.42
CA ASN B 158 -19.37 -11.27 15.47
C ASN B 158 -19.80 -10.32 16.58
N GLU B 159 -20.94 -10.56 17.21
CA GLU B 159 -21.51 -9.66 18.20
C GLU B 159 -20.97 -9.88 19.60
N ASP B 160 -20.23 -10.96 19.83
CA ASP B 160 -19.73 -11.24 21.17
C ASP B 160 -18.37 -11.93 21.18
N ILE B 161 -17.93 -12.48 20.05
CA ILE B 161 -16.69 -13.25 20.03
C ILE B 161 -15.50 -12.36 20.35
N MET B 162 -15.52 -11.10 19.90
CA MET B 162 -14.41 -10.20 20.17
C MET B 162 -14.34 -9.77 21.63
N ARG B 163 -15.28 -10.20 22.46
CA ARG B 163 -15.31 -9.90 23.88
C ARG B 163 -15.21 -11.16 24.72
N LEU B 164 -14.60 -12.21 24.17
CA LEU B 164 -14.35 -13.42 24.93
C LEU B 164 -13.48 -13.08 26.14
N PRO B 165 -13.69 -13.75 27.29
CA PRO B 165 -12.83 -13.48 28.45
C PRO B 165 -11.44 -14.04 28.28
N GLU B 166 -11.29 -15.17 27.58
CA GLU B 166 -10.01 -15.83 27.42
C GLU B 166 -9.92 -16.39 26.01
N LEU B 167 -8.69 -16.65 25.59
CA LEU B 167 -8.46 -17.21 24.26
C LEU B 167 -8.84 -18.68 24.23
N PRO B 168 -9.68 -19.11 23.29
CA PRO B 168 -10.06 -20.53 23.24
C PRO B 168 -8.89 -21.39 22.80
N GLU B 169 -8.74 -22.54 23.44
CA GLU B 169 -7.72 -23.50 23.00
C GLU B 169 -8.03 -24.01 21.60
N HIS B 170 -9.27 -24.41 21.34
CA HIS B 170 -9.68 -24.92 20.05
C HIS B 170 -10.93 -24.18 19.59
N LEU B 171 -10.79 -23.34 18.58
CA LEU B 171 -11.92 -22.63 18.01
C LEU B 171 -12.45 -23.40 16.81
N VAL B 172 -13.74 -23.66 16.80
CA VAL B 172 -14.43 -24.30 15.69
C VAL B 172 -15.27 -23.24 15.00
N ILE B 173 -14.98 -23.00 13.72
CA ILE B 173 -15.67 -21.98 12.94
C ILE B 173 -16.56 -22.67 11.93
N VAL B 174 -17.83 -22.28 11.90
CA VAL B 174 -18.78 -22.76 10.89
C VAL B 174 -18.97 -21.64 9.88
N GLY B 175 -18.42 -21.81 8.71
CA GLY B 175 -18.51 -20.82 7.65
C GLY B 175 -17.23 -20.79 6.84
N SER B 176 -17.35 -20.37 5.58
CA SER B 176 -16.20 -20.25 4.69
C SER B 176 -16.13 -18.87 4.05
N GLY B 177 -16.84 -17.89 4.60
CA GLY B 177 -16.85 -16.54 4.06
C GLY B 177 -15.73 -15.69 4.61
N PHE B 178 -15.79 -14.40 4.30
CA PHE B 178 -14.72 -13.49 4.73
C PHE B 178 -14.73 -13.29 6.24
N ILE B 179 -15.90 -13.40 6.88
CA ILE B 179 -15.95 -13.29 8.34
C ILE B 179 -15.28 -14.49 8.99
N ALA B 180 -15.58 -15.69 8.48
CA ALA B 180 -14.97 -16.91 9.02
C ALA B 180 -13.47 -16.90 8.84
N THR B 181 -13.00 -16.56 7.63
CA THR B 181 -11.58 -16.64 7.34
C THR B 181 -10.80 -15.52 8.01
N GLU B 182 -11.44 -14.37 8.28
CA GLU B 182 -10.76 -13.32 9.02
C GLU B 182 -10.60 -13.70 10.49
N PHE B 183 -11.63 -14.32 11.08
CA PHE B 183 -11.53 -14.74 12.47
C PHE B 183 -10.57 -15.91 12.64
N ALA B 184 -10.54 -16.82 11.67
CA ALA B 184 -9.57 -17.90 11.70
C ALA B 184 -8.14 -17.36 11.77
N HIS B 185 -7.85 -16.34 10.96
CA HIS B 185 -6.53 -15.73 10.99
C HIS B 185 -6.27 -15.06 12.34
N VAL B 186 -7.25 -14.31 12.85
CA VAL B 186 -7.09 -13.60 14.11
C VAL B 186 -6.74 -14.57 15.24
N PHE B 187 -7.55 -15.63 15.38
CA PHE B 187 -7.42 -16.51 16.53
C PHE B 187 -6.22 -17.43 16.41
N SER B 188 -6.03 -18.05 15.24
CA SER B 188 -4.91 -18.97 15.05
C SER B 188 -3.57 -18.27 15.28
N ALA B 189 -3.44 -17.02 14.82
CA ALA B 189 -2.18 -16.31 14.99
C ALA B 189 -1.89 -16.00 16.45
N LEU B 190 -2.92 -15.86 17.28
CA LEU B 190 -2.73 -15.52 18.68
C LEU B 190 -2.58 -16.73 19.60
N GLY B 191 -2.85 -17.93 19.11
CA GLY B 191 -2.57 -19.13 19.88
C GLY B 191 -3.67 -20.16 19.91
N SER B 192 -4.80 -19.84 19.30
CA SER B 192 -5.93 -20.80 19.30
C SER B 192 -5.74 -21.68 18.06
N ARG B 193 -6.08 -22.97 18.15
CA ARG B 193 -6.06 -23.83 16.95
C ARG B 193 -7.45 -23.68 16.36
N VAL B 194 -7.54 -23.47 15.06
CA VAL B 194 -8.84 -23.17 14.48
C VAL B 194 -9.23 -24.32 13.55
N SER B 195 -10.45 -24.79 13.70
CA SER B 195 -11.08 -25.71 12.76
C SER B 195 -12.17 -24.96 12.01
N ILE B 196 -12.11 -25.03 10.68
CA ILE B 196 -13.10 -24.38 9.81
C ILE B 196 -13.89 -25.45 9.09
N ILE B 197 -15.21 -25.30 9.09
CA ILE B 197 -16.11 -26.21 8.39
C ILE B 197 -16.76 -25.43 7.25
N GLY B 198 -16.57 -25.90 6.03
CA GLY B 198 -17.16 -25.28 4.86
C GLY B 198 -18.09 -26.24 4.15
N ARG B 199 -19.20 -25.70 3.65
CA ARG B 199 -20.13 -26.49 2.86
C ARG B 199 -19.59 -26.73 1.46
N SER B 200 -18.91 -25.74 0.89
CA SER B 200 -18.40 -25.79 -0.47
C SER B 200 -17.12 -26.62 -0.56
N GLN B 201 -16.58 -26.72 -1.78
CA GLN B 201 -15.32 -27.39 -2.04
C GLN B 201 -14.12 -26.48 -1.87
N ARG B 202 -14.33 -25.20 -1.59
CA ARG B 202 -13.24 -24.26 -1.37
C ARG B 202 -13.66 -23.21 -0.36
N LEU B 203 -12.69 -22.66 0.36
CA LEU B 203 -12.92 -21.46 1.14
C LEU B 203 -12.95 -20.25 0.22
N LEU B 204 -13.74 -19.25 0.62
CA LEU B 204 -13.95 -18.06 -0.22
C LEU B 204 -14.41 -18.49 -1.61
N ARG B 205 -15.33 -19.45 -1.63
CA ARG B 205 -15.78 -20.11 -2.86
C ARG B 205 -16.10 -19.13 -3.98
N HIS B 206 -16.72 -18.00 -3.65
CA HIS B 206 -17.27 -17.10 -4.65
C HIS B 206 -16.24 -16.12 -5.23
N LEU B 207 -14.96 -16.27 -4.88
CA LEU B 207 -13.94 -15.40 -5.43
C LEU B 207 -13.39 -16.04 -6.71
N ASP B 208 -12.42 -15.37 -7.34
CA ASP B 208 -11.76 -15.96 -8.50
C ASP B 208 -11.18 -17.32 -8.14
N ASP B 209 -11.42 -18.30 -9.02
CA ASP B 209 -11.08 -19.68 -8.71
C ASP B 209 -9.60 -19.85 -8.40
N GLU B 210 -8.74 -19.13 -9.13
CA GLU B 210 -7.30 -19.22 -8.85
C GLU B 210 -6.97 -18.66 -7.47
N ILE B 211 -7.67 -17.60 -7.05
CA ILE B 211 -7.47 -17.07 -5.71
C ILE B 211 -8.06 -18.01 -4.66
N SER B 212 -9.31 -18.44 -4.88
CA SER B 212 -9.96 -19.32 -3.92
C SER B 212 -9.19 -20.62 -3.75
N GLU B 213 -8.64 -21.16 -4.84
CA GLU B 213 -7.94 -22.44 -4.75
C GLU B 213 -6.62 -22.29 -3.99
N ARG B 214 -5.80 -21.31 -4.36
CA ARG B 214 -4.48 -21.18 -3.74
C ARG B 214 -4.61 -20.81 -2.27
N PHE B 215 -5.57 -19.95 -1.91
CA PHE B 215 -5.76 -19.62 -0.50
C PHE B 215 -6.17 -20.86 0.29
N THR B 216 -7.04 -21.68 -0.29
CA THR B 216 -7.45 -22.91 0.38
C THR B 216 -6.26 -23.83 0.61
N GLU B 217 -5.39 -23.98 -0.39
CA GLU B 217 -4.19 -24.80 -0.23
C GLU B 217 -3.28 -24.24 0.85
N LEU B 218 -3.16 -22.91 0.93
CA LEU B 218 -2.37 -22.31 1.99
C LEU B 218 -3.06 -22.44 3.33
N ALA B 219 -4.40 -22.28 3.36
CA ALA B 219 -5.15 -22.40 4.59
C ALA B 219 -5.06 -23.81 5.17
N GLU B 220 -5.06 -24.83 4.31
CA GLU B 220 -5.00 -26.21 4.78
C GLU B 220 -3.75 -26.47 5.61
N GLN B 221 -2.69 -25.72 5.38
CA GLN B 221 -1.45 -25.83 6.15
C GLN B 221 -1.45 -24.95 7.40
N LYS B 222 -2.51 -24.19 7.64
CA LYS B 222 -2.60 -23.30 8.79
C LYS B 222 -3.71 -23.69 9.77
N TRP B 223 -4.82 -24.21 9.26
CA TRP B 223 -5.98 -24.52 10.08
C TRP B 223 -6.47 -25.92 9.74
N ASP B 224 -7.29 -26.47 10.63
CA ASP B 224 -7.94 -27.75 10.39
C ASP B 224 -9.17 -27.46 9.54
N VAL B 225 -9.04 -27.66 8.23
CA VAL B 225 -10.06 -27.27 7.26
C VAL B 225 -10.88 -28.49 6.87
N HIS B 226 -12.21 -28.38 6.93
CA HIS B 226 -13.13 -29.42 6.55
C HIS B 226 -14.09 -28.87 5.49
N LEU B 227 -13.92 -29.31 4.25
CA LEU B 227 -14.70 -28.81 3.12
C LEU B 227 -15.73 -29.83 2.64
N GLY B 228 -16.62 -29.35 1.77
CA GLY B 228 -17.55 -30.19 1.05
C GLY B 228 -18.64 -30.85 1.87
N SER B 229 -18.66 -30.66 3.18
CA SER B 229 -19.59 -31.38 4.04
C SER B 229 -20.47 -30.44 4.84
N PRO B 230 -21.77 -30.41 4.61
CA PRO B 230 -22.66 -29.64 5.48
C PRO B 230 -22.75 -30.28 6.86
N LEU B 231 -22.87 -29.44 7.88
CA LEU B 231 -23.04 -29.95 9.22
C LEU B 231 -24.45 -30.53 9.37
N THR B 232 -24.59 -31.46 10.32
CA THR B 232 -25.86 -32.13 10.55
C THR B 232 -26.38 -32.03 11.97
N SER B 233 -25.50 -31.94 12.97
CA SER B 233 -25.94 -31.89 14.35
C SER B 233 -24.86 -31.26 15.21
N VAL B 234 -25.29 -30.63 16.31
CA VAL B 234 -24.39 -30.02 17.28
C VAL B 234 -24.66 -30.60 18.67
N ARG B 235 -23.59 -31.02 19.35
CA ARG B 235 -23.68 -31.58 20.69
C ARG B 235 -22.72 -31.04 21.72
N GLY B 236 -23.25 -30.50 22.82
CA GLY B 236 -22.44 -29.87 23.85
C GLY B 236 -22.21 -30.83 24.99
N ASP B 237 -20.94 -31.06 25.30
CA ASP B 237 -20.52 -32.03 26.32
C ASP B 237 -19.68 -31.31 27.37
N GLY B 238 -20.32 -30.51 28.21
CA GLY B 238 -19.62 -29.74 29.22
C GLY B 238 -19.20 -28.40 28.66
N ASP B 239 -17.93 -28.06 28.81
CA ASP B 239 -17.38 -26.92 28.09
C ASP B 239 -17.02 -27.28 26.65
N ASN B 240 -16.78 -28.56 26.37
CA ASN B 240 -16.45 -29.01 25.03
C ASN B 240 -17.70 -29.06 24.15
N ILE B 241 -17.58 -28.60 22.91
CA ILE B 241 -18.65 -28.59 21.93
C ILE B 241 -18.21 -29.49 20.78
N ALA B 242 -19.13 -30.33 20.29
CA ALA B 242 -18.85 -31.23 19.17
C ALA B 242 -19.80 -30.95 18.03
N VAL B 243 -19.26 -30.87 16.81
CA VAL B 243 -20.04 -30.60 15.60
C VAL B 243 -19.92 -31.80 14.69
N GLU B 244 -21.06 -32.38 14.32
CA GLU B 244 -21.12 -33.55 13.46
C GLU B 244 -21.46 -33.13 12.03
N LEU B 245 -20.69 -33.63 11.08
CA LEU B 245 -20.90 -33.33 9.66
C LEU B 245 -21.70 -34.45 8.99
N ALA B 246 -22.10 -34.18 7.75
CA ALA B 246 -22.90 -35.15 7.01
C ALA B 246 -22.09 -36.39 6.66
N ASN B 247 -20.80 -36.22 6.37
CA ASN B 247 -19.94 -37.36 6.09
C ASN B 247 -19.62 -38.18 7.34
N GLY B 248 -19.99 -37.70 8.53
CA GLY B 248 -19.77 -38.41 9.77
C GLY B 248 -18.67 -37.85 10.64
N THR B 249 -17.89 -36.90 10.15
CA THR B 249 -16.79 -36.33 10.94
C THR B 249 -17.34 -35.48 12.07
N VAL B 250 -16.72 -35.58 13.25
CA VAL B 250 -17.11 -34.81 14.43
C VAL B 250 -15.96 -33.90 14.81
N VAL B 251 -16.19 -32.59 14.74
CA VAL B 251 -15.20 -31.57 15.08
C VAL B 251 -15.54 -31.02 16.45
N SER B 252 -14.62 -31.18 17.40
CA SER B 252 -14.84 -30.75 18.78
C SER B 252 -13.91 -29.59 19.11
N GLY B 253 -14.36 -28.72 20.00
CA GLY B 253 -13.56 -27.58 20.41
C GLY B 253 -14.05 -26.80 21.61
N ASP B 254 -13.35 -25.71 21.91
CA ASP B 254 -13.74 -24.86 23.04
C ASP B 254 -14.94 -23.94 22.78
N VAL B 255 -14.88 -23.20 21.68
CA VAL B 255 -15.87 -22.19 21.35
C VAL B 255 -16.40 -22.41 19.95
N LEU B 256 -17.71 -22.20 19.77
CA LEU B 256 -18.36 -22.35 18.47
C LEU B 256 -18.69 -20.96 17.94
N LEU B 257 -18.04 -20.57 16.86
CA LEU B 257 -18.33 -19.32 16.17
C LEU B 257 -19.12 -19.64 14.91
N VAL B 258 -20.29 -19.01 14.76
CA VAL B 258 -21.13 -19.19 13.58
C VAL B 258 -20.95 -17.99 12.68
N ALA B 259 -20.49 -18.23 11.46
CA ALA B 259 -20.25 -17.19 10.47
C ALA B 259 -20.68 -17.67 9.09
N VAL B 260 -21.91 -18.19 9.01
CA VAL B 260 -22.40 -18.75 7.74
C VAL B 260 -23.00 -17.71 6.82
N GLY B 261 -23.23 -16.50 7.30
CA GLY B 261 -23.75 -15.45 6.45
C GLY B 261 -24.61 -14.47 7.23
N ARG B 262 -25.05 -13.43 6.51
CA ARG B 262 -25.83 -12.36 7.06
C ARG B 262 -27.13 -12.21 6.27
N GLN B 263 -28.19 -11.81 6.96
CA GLN B 263 -29.52 -11.68 6.36
C GLN B 263 -30.01 -10.26 6.50
N PRO B 264 -30.36 -9.56 5.41
CA PRO B 264 -30.88 -8.20 5.55
C PRO B 264 -32.14 -8.17 6.39
N ASN B 265 -32.26 -7.15 7.23
CA ASN B 265 -33.28 -7.08 8.27
C ASN B 265 -34.61 -6.54 7.77
N GLY B 266 -34.82 -6.46 6.45
CA GLY B 266 -36.06 -5.90 5.93
C GLY B 266 -37.28 -6.69 6.39
N ASP B 267 -37.14 -8.01 6.51
CA ASP B 267 -38.26 -8.87 6.91
C ASP B 267 -38.72 -8.62 8.33
N LEU B 268 -37.96 -7.86 9.12
CA LEU B 268 -38.31 -7.60 10.52
C LEU B 268 -39.10 -6.32 10.72
N LEU B 269 -39.32 -5.52 9.67
CA LEU B 269 -39.84 -4.17 9.81
C LEU B 269 -41.32 -4.05 9.47
N GLY B 270 -41.97 -5.14 9.05
CA GLY B 270 -43.34 -5.01 8.60
C GLY B 270 -43.46 -4.16 7.35
N LEU B 271 -42.54 -4.34 6.40
CA LEU B 271 -42.49 -3.48 5.21
C LEU B 271 -43.75 -3.58 4.38
N ASP B 272 -44.49 -4.69 4.50
CA ASP B 272 -45.71 -4.88 3.73
C ASP B 272 -46.73 -3.78 4.02
N LYS B 273 -46.82 -3.35 5.27
CA LYS B 273 -47.73 -2.26 5.62
C LYS B 273 -47.30 -0.92 5.06
N ALA B 274 -46.04 -0.80 4.65
CA ALA B 274 -45.53 0.45 4.08
C ALA B 274 -45.45 0.40 2.56
N GLY B 275 -45.76 -0.74 1.95
CA GLY B 275 -45.64 -0.87 0.51
C GLY B 275 -44.22 -0.87 0.01
N VAL B 276 -43.27 -1.37 0.81
CA VAL B 276 -41.88 -1.51 0.39
C VAL B 276 -41.70 -2.97 -0.04
N GLU B 277 -41.32 -3.15 -1.30
CA GLU B 277 -41.23 -4.50 -1.86
C GLU B 277 -39.92 -5.14 -1.42
N LEU B 278 -40.00 -6.42 -1.08
CA LEU B 278 -38.83 -7.22 -0.76
C LEU B 278 -38.58 -8.21 -1.88
N ASP B 279 -37.32 -8.39 -2.26
CA ASP B 279 -37.03 -9.30 -3.36
C ASP B 279 -36.97 -10.75 -2.86
N ASP B 280 -36.35 -11.64 -3.64
CA ASP B 280 -36.33 -13.04 -3.29
C ASP B 280 -35.28 -13.40 -2.24
N LYS B 281 -34.36 -12.49 -1.92
CA LYS B 281 -33.32 -12.78 -0.92
C LYS B 281 -33.50 -12.01 0.39
N GLY B 282 -34.47 -11.11 0.49
CA GLY B 282 -34.68 -10.36 1.70
C GLY B 282 -34.09 -8.97 1.68
N SER B 283 -33.59 -8.50 0.55
CA SER B 283 -33.16 -7.12 0.41
C SER B 283 -34.32 -6.27 -0.07
N VAL B 284 -34.46 -5.07 0.48
CA VAL B 284 -35.49 -4.16 0.02
C VAL B 284 -35.12 -3.65 -1.36
N VAL B 285 -36.11 -3.57 -2.25
CA VAL B 285 -35.86 -3.16 -3.63
C VAL B 285 -35.83 -1.64 -3.74
N VAL B 286 -34.77 -1.14 -4.38
CA VAL B 286 -34.57 0.28 -4.63
C VAL B 286 -34.10 0.42 -6.08
N ASP B 287 -34.07 1.66 -6.54
CA ASP B 287 -33.60 1.98 -7.88
C ASP B 287 -32.21 2.60 -7.80
N GLU B 288 -31.72 3.08 -8.95
CA GLU B 288 -30.43 3.76 -9.00
C GLU B 288 -30.40 5.03 -8.15
N TYR B 289 -31.56 5.56 -7.79
CA TYR B 289 -31.66 6.74 -6.92
C TYR B 289 -31.98 6.35 -5.48
N GLN B 290 -31.78 5.09 -5.12
CA GLN B 290 -32.07 4.53 -3.80
C GLN B 290 -33.51 4.73 -3.36
N ARG B 291 -34.41 5.14 -4.25
CA ARG B 291 -35.82 5.27 -3.88
C ARG B 291 -36.47 3.90 -4.00
N THR B 292 -37.20 3.52 -2.96
CA THR B 292 -37.85 2.22 -2.93
C THR B 292 -39.13 2.25 -3.76
N THR B 293 -39.89 1.14 -3.71
CA THR B 293 -41.18 1.09 -4.39
C THR B 293 -42.21 1.97 -3.71
N ALA B 294 -41.96 2.33 -2.45
CA ALA B 294 -42.83 3.23 -1.72
C ALA B 294 -42.36 4.66 -1.87
N GLU B 295 -43.34 5.56 -2.03
CA GLU B 295 -43.12 6.99 -1.95
C GLU B 295 -42.31 7.36 -0.72
N GLY B 296 -41.57 8.46 -0.82
CA GLY B 296 -40.99 9.08 0.35
C GLY B 296 -40.15 8.17 1.20
N VAL B 297 -39.84 6.99 0.68
CA VAL B 297 -39.13 5.95 1.42
C VAL B 297 -37.90 5.60 0.61
N PHE B 298 -36.74 5.76 1.22
CA PHE B 298 -35.46 5.36 0.66
C PHE B 298 -34.88 4.25 1.52
N ALA B 299 -33.85 3.60 0.99
CA ALA B 299 -33.11 2.62 1.77
C ALA B 299 -31.66 2.61 1.32
N LEU B 300 -30.79 2.14 2.20
CA LEU B 300 -29.37 2.05 1.90
C LEU B 300 -28.74 1.04 2.84
N GLY B 301 -27.54 0.61 2.47
CA GLY B 301 -26.78 -0.28 3.33
C GLY B 301 -27.14 -1.74 3.13
N ASP B 302 -26.84 -2.53 4.16
CA ASP B 302 -27.05 -3.97 4.09
C ASP B 302 -28.51 -4.34 3.95
N VAL B 303 -29.44 -3.43 4.28
CA VAL B 303 -30.85 -3.73 4.16
C VAL B 303 -31.30 -3.73 2.71
N SER B 304 -30.52 -3.15 1.81
CA SER B 304 -30.93 -3.03 0.42
C SER B 304 -29.83 -3.41 -0.57
N SER B 305 -28.58 -3.06 -0.30
CA SER B 305 -27.54 -3.17 -1.31
C SER B 305 -27.18 -4.62 -1.58
N PRO B 306 -26.76 -4.94 -2.82
CA PRO B 306 -26.19 -6.28 -3.06
C PRO B 306 -24.80 -6.45 -2.49
N TYR B 307 -24.07 -5.37 -2.25
CA TYR B 307 -22.74 -5.41 -1.66
C TYR B 307 -22.90 -4.96 -0.20
N GLN B 308 -22.84 -5.91 0.72
CA GLN B 308 -23.00 -5.61 2.15
C GLN B 308 -21.68 -5.09 2.71
N LEU B 309 -21.31 -3.90 2.23
CA LEU B 309 -20.01 -3.29 2.49
C LEU B 309 -20.21 -1.85 2.95
N LYS B 310 -19.37 -1.43 3.90
CA LYS B 310 -19.52 -0.08 4.48
C LYS B 310 -19.31 1.01 3.44
N HIS B 311 -18.19 0.93 2.69
CA HIS B 311 -17.90 1.97 1.71
C HIS B 311 -18.98 2.06 0.63
N VAL B 312 -19.74 0.99 0.40
CA VAL B 312 -20.89 1.06 -0.49
C VAL B 312 -22.01 1.85 0.18
N ALA B 313 -22.40 1.43 1.38
CA ALA B 313 -23.46 2.11 2.12
C ALA B 313 -23.14 3.59 2.33
N ASN B 314 -21.85 3.91 2.49
CA ASN B 314 -21.47 5.31 2.64
C ASN B 314 -21.62 6.06 1.32
N HIS B 315 -21.30 5.39 0.20
CA HIS B 315 -21.50 6.01 -1.11
C HIS B 315 -22.98 6.26 -1.36
N GLU B 316 -23.83 5.28 -1.06
CA GLU B 316 -25.26 5.43 -1.22
C GLU B 316 -25.83 6.48 -0.29
N ALA B 317 -25.25 6.63 0.91
CA ALA B 317 -25.71 7.66 1.84
C ALA B 317 -25.50 9.04 1.25
N ARG B 318 -24.36 9.25 0.57
CA ARG B 318 -24.13 10.50 -0.14
C ARG B 318 -25.22 10.74 -1.17
N VAL B 319 -25.68 9.68 -1.83
CA VAL B 319 -26.72 9.82 -2.85
C VAL B 319 -28.07 10.08 -2.20
N VAL B 320 -28.44 9.29 -1.20
CA VAL B 320 -29.72 9.48 -0.52
C VAL B 320 -29.78 10.87 0.10
N GLN B 321 -28.71 11.27 0.79
CA GLN B 321 -28.64 12.58 1.43
C GLN B 321 -28.97 13.70 0.44
N HIS B 322 -28.41 13.61 -0.76
CA HIS B 322 -28.67 14.63 -1.78
C HIS B 322 -30.08 14.50 -2.32
N ASN B 323 -30.49 13.28 -2.68
CA ASN B 323 -31.82 13.05 -3.23
C ASN B 323 -32.93 13.32 -2.21
N LEU B 324 -32.59 13.32 -0.92
CA LEU B 324 -33.59 13.58 0.12
C LEU B 324 -34.12 15.00 0.06
N LEU B 325 -33.33 15.95 -0.45
CA LEU B 325 -33.66 17.36 -0.38
C LEU B 325 -34.38 17.88 -1.63
N GLN B 326 -34.56 17.05 -2.64
CA GLN B 326 -35.15 17.48 -3.90
C GLN B 326 -36.51 16.80 -4.09
N ASP B 327 -37.07 16.94 -5.30
CA ASP B 327 -38.37 16.37 -5.65
C ASP B 327 -38.11 14.97 -6.19
N ALA B 328 -38.08 13.99 -5.28
CA ALA B 328 -37.63 12.64 -5.65
C ALA B 328 -38.60 11.96 -6.61
N TRP B 329 -39.89 11.97 -6.29
CA TRP B 329 -40.92 11.37 -7.15
C TRP B 329 -41.59 12.41 -8.04
N LYS B 330 -40.80 13.33 -8.58
CA LYS B 330 -41.33 14.42 -9.40
C LYS B 330 -40.29 14.89 -10.39
N ASP B 331 -39.01 14.89 -9.99
CA ASP B 331 -37.93 15.43 -10.81
C ASP B 331 -36.70 14.55 -10.62
N THR B 332 -36.40 13.72 -11.61
CA THR B 332 -35.18 12.92 -11.59
C THR B 332 -33.97 13.72 -12.07
N SER B 333 -34.18 14.95 -12.56
CA SER B 333 -33.09 15.72 -13.16
C SER B 333 -32.11 16.19 -12.10
N GLY B 334 -32.60 16.58 -10.92
CA GLY B 334 -31.70 16.96 -9.86
C GLY B 334 -31.19 15.81 -9.05
N LEU B 335 -31.51 14.58 -9.44
CA LEU B 335 -31.16 13.41 -8.65
C LEU B 335 -29.82 12.83 -9.09
N ARG B 336 -29.08 12.32 -8.12
CA ARG B 336 -27.84 11.59 -8.34
C ARG B 336 -28.14 10.09 -8.30
N SER B 337 -27.48 9.34 -9.17
CA SER B 337 -27.59 7.88 -9.17
C SER B 337 -26.41 7.28 -8.43
N THR B 338 -26.61 6.07 -7.91
CA THR B 338 -25.56 5.36 -7.21
C THR B 338 -24.71 4.61 -8.23
N ASP B 339 -23.39 4.72 -8.08
CA ASP B 339 -22.44 4.05 -8.96
C ASP B 339 -22.02 2.74 -8.30
N HIS B 340 -22.54 1.63 -8.82
CA HIS B 340 -22.27 0.29 -8.31
C HIS B 340 -21.30 -0.49 -9.21
N ARG B 341 -20.35 0.20 -9.85
CA ARG B 341 -19.62 -0.40 -10.96
C ARG B 341 -18.36 -1.13 -10.53
N PHE B 342 -17.39 -0.42 -9.94
CA PHE B 342 -16.12 -1.04 -9.59
C PHE B 342 -16.01 -1.18 -8.08
N VAL B 343 -16.95 -1.90 -7.47
CA VAL B 343 -16.95 -2.11 -6.03
C VAL B 343 -15.84 -3.08 -5.67
N PRO B 344 -14.88 -2.69 -4.85
CA PRO B 344 -13.87 -3.62 -4.37
C PRO B 344 -14.30 -4.26 -3.07
N ALA B 345 -13.70 -5.41 -2.79
CA ALA B 345 -13.87 -6.09 -1.52
C ALA B 345 -12.50 -6.57 -1.06
N ALA B 346 -12.38 -6.80 0.25
CA ALA B 346 -11.13 -7.27 0.82
C ALA B 346 -11.42 -8.28 1.92
N VAL B 347 -10.50 -9.22 2.08
CA VAL B 347 -10.53 -10.19 3.17
C VAL B 347 -9.23 -10.03 3.93
N PHE B 348 -9.33 -9.70 5.22
CA PHE B 348 -8.14 -9.48 6.06
C PHE B 348 -7.78 -10.80 6.75
N THR B 349 -7.35 -11.74 5.94
CA THR B 349 -6.94 -13.08 6.43
C THR B 349 -5.46 -13.19 6.10
N ASP B 350 -4.83 -14.35 6.31
CA ASP B 350 -3.44 -14.55 5.86
C ASP B 350 -3.52 -15.67 4.84
N PRO B 351 -3.00 -15.52 3.61
CA PRO B 351 -2.69 -14.23 3.03
C PRO B 351 -3.89 -13.30 2.91
N GLN B 352 -3.64 -11.99 2.95
CA GLN B 352 -4.72 -10.99 2.81
C GLN B 352 -5.14 -10.93 1.36
N ILE B 353 -6.43 -10.72 1.08
CA ILE B 353 -6.93 -10.77 -0.33
C ILE B 353 -7.83 -9.58 -0.63
N ALA B 354 -7.70 -8.99 -1.82
CA ALA B 354 -8.54 -7.90 -2.27
C ALA B 354 -8.89 -8.12 -3.74
N ASP B 355 -10.09 -7.66 -4.13
CA ASP B 355 -10.54 -7.82 -5.51
C ASP B 355 -11.35 -6.61 -5.93
N VAL B 356 -11.51 -6.47 -7.25
CA VAL B 356 -12.43 -5.51 -7.83
C VAL B 356 -12.72 -5.99 -9.25
N GLY B 357 -13.94 -5.74 -9.72
CA GLY B 357 -14.29 -6.11 -11.08
C GLY B 357 -14.67 -7.57 -11.20
N MET B 358 -14.33 -8.16 -12.33
CA MET B 358 -14.73 -9.51 -12.68
C MET B 358 -13.61 -10.52 -12.44
N THR B 359 -14.00 -11.72 -12.04
CA THR B 359 -13.09 -12.85 -12.05
C THR B 359 -12.84 -13.29 -13.49
N GLU B 360 -11.72 -14.00 -13.69
CA GLU B 360 -11.39 -14.49 -15.03
C GLU B 360 -12.53 -15.31 -15.61
N LYS B 361 -13.17 -16.13 -14.80
CA LYS B 361 -14.33 -16.89 -15.25
C LYS B 361 -15.42 -15.95 -15.75
N GLN B 362 -15.79 -14.96 -14.94
CA GLN B 362 -16.83 -14.01 -15.32
C GLN B 362 -16.48 -13.29 -16.61
N ALA B 363 -15.20 -12.99 -16.83
CA ALA B 363 -14.80 -12.32 -18.06
C ALA B 363 -15.03 -13.22 -19.26
N ARG B 364 -14.71 -14.51 -19.13
CA ARG B 364 -14.88 -15.44 -20.25
C ARG B 364 -16.35 -15.77 -20.48
N ASP B 365 -17.14 -15.93 -19.42
CA ASP B 365 -18.56 -16.18 -19.59
C ASP B 365 -19.27 -15.05 -20.31
N ALA B 366 -18.83 -13.82 -20.09
CA ALA B 366 -19.37 -12.71 -20.86
C ALA B 366 -18.84 -12.70 -22.26
N GLY B 367 -18.06 -13.73 -22.57
CA GLY B 367 -17.51 -13.91 -23.90
C GLY B 367 -16.48 -12.87 -24.23
N LEU B 368 -15.64 -12.51 -23.26
CA LEU B 368 -14.67 -11.47 -23.48
C LEU B 368 -13.32 -12.04 -23.93
N ASP B 369 -12.67 -11.28 -24.79
CA ASP B 369 -11.34 -11.55 -25.36
C ASP B 369 -10.34 -10.88 -24.43
N ILE B 370 -9.83 -11.66 -23.48
CA ILE B 370 -9.08 -11.13 -22.35
C ILE B 370 -7.62 -11.54 -22.47
N THR B 371 -6.78 -10.84 -21.71
CA THR B 371 -5.41 -11.26 -21.43
C THR B 371 -5.24 -11.25 -19.92
N VAL B 372 -4.47 -12.21 -19.40
CA VAL B 372 -4.32 -12.40 -17.97
C VAL B 372 -2.86 -12.57 -17.63
N LYS B 373 -2.42 -11.91 -16.56
CA LYS B 373 -1.08 -12.09 -15.99
C LYS B 373 -1.21 -12.25 -14.49
N VAL B 374 -0.67 -13.35 -13.97
CA VAL B 374 -0.56 -13.57 -12.53
C VAL B 374 0.88 -13.26 -12.14
N GLN B 375 1.07 -12.14 -11.45
CA GLN B 375 2.41 -11.70 -11.06
C GLN B 375 2.68 -12.14 -9.62
N ALA B 376 3.81 -12.80 -9.42
CA ALA B 376 4.17 -13.26 -8.09
C ALA B 376 4.85 -12.13 -7.31
N TYR B 377 4.49 -12.00 -6.04
CA TYR B 377 5.12 -11.02 -5.17
C TYR B 377 6.63 -11.18 -5.16
N GLY B 378 7.09 -12.42 -5.01
CA GLY B 378 8.50 -12.73 -4.88
C GLY B 378 9.30 -12.54 -6.13
N ASP B 379 8.68 -11.96 -7.17
CA ASP B 379 9.35 -11.68 -8.43
C ASP B 379 9.68 -10.21 -8.60
N VAL B 380 9.27 -9.36 -7.67
CA VAL B 380 9.70 -7.96 -7.66
C VAL B 380 10.66 -7.77 -6.49
N ALA B 381 11.49 -6.73 -6.60
CA ALA B 381 12.55 -6.52 -5.62
C ALA B 381 12.01 -6.42 -4.20
N TYR B 382 10.86 -5.76 -4.02
CA TYR B 382 10.27 -5.68 -2.69
C TYR B 382 9.80 -7.05 -2.22
N GLY B 383 9.34 -7.90 -3.14
CA GLY B 383 8.97 -9.25 -2.77
C GLY B 383 10.15 -10.07 -2.27
N TRP B 384 11.35 -9.81 -2.79
CA TRP B 384 12.54 -10.45 -2.27
C TRP B 384 12.85 -9.95 -0.86
N ALA B 385 12.71 -8.65 -0.63
CA ALA B 385 12.93 -8.08 0.69
C ALA B 385 12.08 -8.80 1.73
N MET B 386 10.90 -9.26 1.33
CA MET B 386 10.00 -10.00 2.21
C MET B 386 10.26 -11.50 2.18
N GLU B 387 11.07 -11.99 1.24
CA GLU B 387 11.23 -13.42 0.99
C GLU B 387 9.87 -14.07 0.77
N ASP B 388 9.06 -13.43 -0.07
CA ASP B 388 7.70 -13.86 -0.30
C ASP B 388 7.64 -15.06 -1.24
N GLN B 389 6.71 -15.96 -0.95
CA GLN B 389 6.48 -17.13 -1.81
C GLN B 389 5.01 -17.44 -1.97
N GLU B 390 4.11 -16.59 -1.45
CA GLU B 390 2.68 -16.79 -1.55
C GLU B 390 1.95 -15.69 -2.31
N GLY B 391 2.49 -14.47 -2.30
CA GLY B 391 1.75 -13.34 -2.86
C GLY B 391 1.63 -13.42 -4.36
N ILE B 392 0.46 -13.02 -4.87
CA ILE B 392 0.23 -12.88 -6.30
C ILE B 392 -0.68 -11.67 -6.54
N CYS B 393 -0.48 -11.01 -7.68
CA CYS B 393 -1.39 -10.00 -8.19
C CYS B 393 -1.84 -10.44 -9.59
N LYS B 394 -3.11 -10.82 -9.71
CA LYS B 394 -3.67 -11.28 -10.98
C LYS B 394 -4.53 -10.18 -11.56
N VAL B 395 -4.17 -9.71 -12.76
CA VAL B 395 -4.90 -8.66 -13.45
C VAL B 395 -5.44 -9.22 -14.75
N ILE B 396 -6.74 -9.02 -14.98
CA ILE B 396 -7.42 -9.43 -16.20
C ILE B 396 -7.75 -8.17 -16.98
N ALA B 397 -7.14 -8.00 -18.14
CA ALA B 397 -7.44 -6.87 -19.01
C ALA B 397 -7.87 -7.38 -20.37
N GLU B 398 -8.49 -6.46 -21.13
CA GLU B 398 -9.01 -6.76 -22.44
C GLU B 398 -7.96 -6.56 -23.52
N ARG B 399 -7.89 -7.52 -24.45
CA ARG B 399 -7.01 -7.41 -25.60
C ARG B 399 -7.48 -6.29 -26.54
N GLY B 400 -6.51 -5.65 -27.20
CA GLY B 400 -6.78 -4.56 -28.10
C GLY B 400 -6.77 -3.20 -27.43
N THR B 401 -7.71 -2.98 -26.52
CA THR B 401 -7.85 -1.70 -25.85
C THR B 401 -7.10 -1.61 -24.53
N GLY B 402 -6.80 -2.74 -23.90
CA GLY B 402 -6.18 -2.69 -22.59
C GLY B 402 -7.12 -2.31 -21.48
N ARG B 403 -8.42 -2.21 -21.75
CA ARG B 403 -9.38 -1.92 -20.69
C ARG B 403 -9.35 -3.02 -19.64
N ILE B 404 -8.93 -2.66 -18.42
CA ILE B 404 -8.85 -3.63 -17.34
C ILE B 404 -10.25 -4.03 -16.94
N LEU B 405 -10.45 -5.30 -16.63
CA LEU B 405 -11.75 -5.82 -16.25
C LEU B 405 -11.81 -6.34 -14.82
N GLY B 406 -10.67 -6.72 -14.25
CA GLY B 406 -10.65 -7.21 -12.89
C GLY B 406 -9.22 -7.28 -12.39
N ALA B 407 -9.10 -7.33 -11.07
CA ALA B 407 -7.80 -7.44 -10.43
C ALA B 407 -7.98 -8.15 -9.10
N HIS B 408 -7.07 -9.08 -8.80
CA HIS B 408 -7.17 -9.90 -7.60
C HIS B 408 -5.79 -10.01 -6.99
N VAL B 409 -5.64 -9.52 -5.77
CA VAL B 409 -4.35 -9.47 -5.08
C VAL B 409 -4.48 -10.31 -3.82
N MET B 410 -3.53 -11.23 -3.63
CA MET B 410 -3.42 -12.03 -2.41
C MET B 410 -2.00 -11.86 -1.91
N GLY B 411 -1.85 -11.23 -0.75
CA GLY B 411 -0.53 -10.96 -0.21
C GLY B 411 -0.57 -9.73 0.69
N THR B 412 0.62 -9.36 1.17
CA THR B 412 0.75 -8.26 2.12
C THR B 412 0.15 -6.99 1.54
N GLN B 413 -0.61 -6.27 2.38
CA GLN B 413 -1.19 -4.98 2.03
C GLN B 413 -2.05 -5.07 0.77
N ALA B 414 -2.67 -6.24 0.55
CA ALA B 414 -3.57 -6.43 -0.57
C ALA B 414 -4.63 -5.33 -0.70
N PRO B 415 -5.32 -4.91 0.37
CA PRO B 415 -6.35 -3.87 0.19
C PRO B 415 -5.77 -2.52 -0.23
N THR B 416 -4.50 -2.24 0.04
CA THR B 416 -3.87 -1.00 -0.42
C THR B 416 -3.25 -1.14 -1.79
N VAL B 417 -2.64 -2.29 -2.09
CA VAL B 417 -1.95 -2.50 -3.36
C VAL B 417 -2.91 -2.36 -4.53
N ILE B 418 -4.17 -2.75 -4.34
CA ILE B 418 -5.12 -2.76 -5.44
C ILE B 418 -5.64 -1.37 -5.79
N GLN B 419 -5.49 -0.39 -4.89
CA GLN B 419 -6.09 0.93 -5.10
C GLN B 419 -5.70 1.57 -6.43
N PRO B 420 -4.43 1.58 -6.86
CA PRO B 420 -4.13 2.09 -8.20
C PRO B 420 -4.90 1.39 -9.31
N LEU B 421 -5.25 0.11 -9.12
CA LEU B 421 -6.07 -0.60 -10.09
C LEU B 421 -7.53 -0.14 -10.01
N ILE B 422 -8.07 -0.03 -8.79
CA ILE B 422 -9.38 0.58 -8.61
C ILE B 422 -9.44 1.93 -9.30
N GLN B 423 -8.40 2.75 -9.06
CA GLN B 423 -8.37 4.11 -9.60
C GLN B 423 -8.38 4.09 -11.13
N ALA B 424 -7.45 3.34 -11.73
CA ALA B 424 -7.36 3.30 -13.19
C ALA B 424 -8.63 2.74 -13.82
N MET B 425 -9.19 1.68 -13.24
CA MET B 425 -10.43 1.11 -13.75
C MET B 425 -11.57 2.12 -13.67
N SER B 426 -11.76 2.73 -12.50
CA SER B 426 -12.93 3.60 -12.28
C SER B 426 -12.93 4.78 -13.24
N PHE B 427 -11.75 5.22 -13.69
CA PHE B 427 -11.64 6.37 -14.58
C PHE B 427 -11.17 5.98 -15.98
N GLY B 428 -11.44 4.74 -16.39
CA GLY B 428 -11.22 4.30 -17.76
C GLY B 428 -9.79 4.33 -18.25
N LEU B 429 -8.82 4.21 -17.34
CA LEU B 429 -7.42 4.22 -17.74
C LEU B 429 -6.99 2.86 -18.27
N SER B 430 -6.32 2.86 -19.42
CA SER B 430 -5.86 1.62 -20.03
C SER B 430 -4.67 1.06 -19.26
N ALA B 431 -4.49 -0.27 -19.36
CA ALA B 431 -3.41 -0.93 -18.63
C ALA B 431 -2.05 -0.51 -19.16
N GLN B 432 -1.89 -0.41 -20.48
CA GLN B 432 -0.63 0.04 -21.04
C GLN B 432 -0.33 1.47 -20.60
N ASP B 433 -1.38 2.27 -20.35
CA ASP B 433 -1.19 3.63 -19.87
C ASP B 433 -0.77 3.62 -18.41
N MET B 434 -1.45 2.84 -17.57
CA MET B 434 -1.11 2.79 -16.16
C MET B 434 0.33 2.34 -15.96
N ALA B 435 0.78 1.39 -16.77
CA ALA B 435 2.16 0.90 -16.67
C ALA B 435 3.17 1.99 -17.01
N ARG B 436 3.02 2.60 -18.19
CA ARG B 436 4.02 3.53 -18.72
C ARG B 436 3.68 5.00 -18.54
N GLY B 437 2.40 5.35 -18.34
CA GLY B 437 2.08 6.75 -18.21
C GLY B 437 2.35 7.38 -16.87
N GLN B 438 3.05 6.69 -15.99
CA GLN B 438 3.39 7.24 -14.68
C GLN B 438 4.60 6.49 -14.13
N TYR B 439 5.23 7.09 -13.13
CA TYR B 439 6.37 6.48 -12.46
C TYR B 439 5.90 5.65 -11.28
N TRP B 440 6.58 4.52 -11.06
CA TRP B 440 6.34 3.66 -9.90
C TRP B 440 7.59 3.67 -9.03
N ILE B 441 7.41 3.81 -7.72
CA ILE B 441 8.56 3.93 -6.83
C ILE B 441 9.28 2.59 -6.78
N HIS B 442 10.60 2.62 -6.98
CA HIS B 442 11.40 1.41 -6.95
C HIS B 442 12.32 1.44 -5.75
N PRO B 443 12.38 0.36 -4.97
CA PRO B 443 11.50 -0.80 -5.02
C PRO B 443 10.48 -0.81 -3.89
N ALA B 444 9.19 -0.80 -4.22
CA ALA B 444 8.13 -0.80 -3.24
C ALA B 444 7.15 -1.92 -3.58
N LEU B 445 6.24 -2.19 -2.64
CA LEU B 445 5.22 -3.19 -2.88
C LEU B 445 4.41 -2.88 -4.13
N ALA B 446 4.34 -1.60 -4.51
CA ALA B 446 3.57 -1.18 -5.68
C ALA B 446 4.06 -1.84 -6.96
N GLU B 447 5.37 -2.14 -7.06
CA GLU B 447 5.94 -2.64 -8.31
C GLU B 447 5.26 -3.93 -8.79
N VAL B 448 4.60 -4.67 -7.91
CA VAL B 448 3.91 -5.88 -8.33
C VAL B 448 2.80 -5.55 -9.30
N VAL B 449 2.10 -4.43 -9.07
CA VAL B 449 1.05 -4.00 -9.99
C VAL B 449 1.66 -3.63 -11.35
N GLU B 450 2.73 -2.85 -11.34
CA GLU B 450 3.37 -2.41 -12.58
C GLU B 450 3.78 -3.60 -13.43
N ASN B 451 4.45 -4.58 -12.82
CA ASN B 451 4.91 -5.74 -13.58
C ASN B 451 3.74 -6.63 -14.01
N ALA B 452 2.68 -6.68 -13.21
CA ALA B 452 1.46 -7.37 -13.64
C ALA B 452 0.94 -6.76 -14.93
N LEU B 453 0.93 -5.43 -15.00
CA LEU B 453 0.49 -4.74 -16.22
C LEU B 453 1.48 -4.94 -17.35
N LEU B 454 2.78 -4.88 -17.05
CA LEU B 454 3.79 -5.04 -18.08
C LEU B 454 3.81 -6.45 -18.66
N GLY B 455 3.42 -7.45 -17.87
CA GLY B 455 3.36 -8.80 -18.40
C GLY B 455 2.13 -9.10 -19.21
N LEU B 456 1.18 -8.16 -19.27
CA LEU B 456 -0.07 -8.34 -19.99
C LEU B 456 0.15 -8.21 -21.49
N ASP B 457 -0.40 -9.15 -22.27
CA ASP B 457 -0.30 -9.10 -23.72
C ASP B 457 -1.32 -8.10 -24.27
N ILE B 458 -0.84 -6.97 -24.77
CA ILE B 458 -1.66 -5.87 -25.27
C ILE B 458 -2.45 -5.22 -24.13
#